data_2IS4
#
_entry.id   2IS4
#
_cell.length_a   104.112
_cell.length_b   96.779
_cell.length_c   111.044
_cell.angle_alpha   90.00
_cell.angle_beta   93.85
_cell.angle_gamma   90.00
#
_symmetry.space_group_name_H-M   'P 1 21 1'
#
loop_
_entity.id
_entity.type
_entity.pdbx_description
1 polymer 25-MER
2 polymer 'DNA helicase II'
3 non-polymer 'MAGNESIUM ION'
4 non-polymer 'PHOSPHOAMINOPHOSPHONIC ACID-ADENYLATE ESTER'
5 water water
#
loop_
_entity_poly.entity_id
_entity_poly.type
_entity_poly.pdbx_seq_one_letter_code
_entity_poly.pdbx_strand_id
1 'polydeoxyribonucleotide'
;(DT)(DC)(DG)(DA)(DG)(DC)(DA)(DC)(DT)(DG)(DC)(DA)(DG)(DT)(DG)(DC)(DT)(DC)(DG)(DT)
(DT)(DG)(DT)(DT)(DT)(DA)
;
C,D
2 'polypeptide(L)'
;MDVSYLLDSLNDKQREAVAAPRSNLLVLAGAGSGKTRVLVHRIAWLMSVENCSPYSIMAVTFTNKAAAEMRHRIGQLMGT
SQGGMWVGTFHGLAHRLLRAHHMDANLPQDFQILDSEDQLRLLKRLIKAMNLDEKQWPPRQAMWYINSQKDEGLRPHHIQ
SYGNPVEQTWQKVYQAYQEACDRAGLVDFAELLLRAHELWLNKPHILQHYRERFTNILVDEFQDTNNIQYAWIRLLAGDT
GKVMIVGDDDQSIYGWRGAQVENIQRFLNDFPGAETIRLEQNYRSTSNILSAANALIENNNGRLGKKLWTDGADGEPISL
YCAFNELDEARFVVNRIKTWQDNGGALAECAILYRSNAQSRVLEEALLQASMPYRIYGGMRFFERQEIKDALSYLRLIVN
RNDDAAFERVVNTPTRGIGDRTLDVVRQTSRDRQLTLWQACRELLQEKALAGRAASALQRFMELIDALAQETADMPLHVQ
TDRVIKDSGLRTMYEQEKGEKGQTRIENLEELVTATRQFSYNEEDEDLMPLQAFLSHAALEAGEGQADTWQDAVQLMTLH
SAKGLEFPQVFIVGMEEGMFPSQMSLDEGGRLEEERRLAYVGVTRAMQKLTLTYAETRRLYGKEVYHRPSRFIGELPEEC
VEEVRLRATVSRPVSHQRMGTPMVENDSGYKLGQRVRHAK
;
A,B
#
# COMPACT_ATOMS: atom_id res chain seq x y z
N MET C 1 -29.65 -51.52 -42.35
CA MET C 1 -30.13 -52.91 -42.52
C MET C 1 -30.22 -53.29 -44.00
N ASP C 2 -31.33 -52.91 -44.65
CA ASP C 2 -31.54 -53.20 -46.07
C ASP C 2 -30.41 -52.68 -46.95
N VAL C 3 -29.31 -53.42 -46.99
CA VAL C 3 -28.13 -53.06 -47.78
C VAL C 3 -28.49 -52.14 -48.93
N SER C 4 -29.53 -52.53 -49.66
CA SER C 4 -30.02 -51.76 -50.79
C SER C 4 -29.89 -50.25 -50.60
N TYR C 5 -30.32 -49.74 -49.44
CA TYR C 5 -30.24 -48.31 -49.22
C TYR C 5 -28.84 -47.80 -48.90
N LEU C 6 -28.04 -48.61 -48.20
CA LEU C 6 -26.68 -48.19 -47.88
C LEU C 6 -25.90 -47.87 -49.13
N LEU C 7 -26.39 -48.34 -50.27
CA LEU C 7 -25.69 -48.12 -51.52
C LEU C 7 -26.42 -47.29 -52.58
N ASP C 8 -27.74 -47.19 -52.47
CA ASP C 8 -28.52 -46.45 -53.46
C ASP C 8 -27.96 -45.09 -53.80
N SER C 9 -27.60 -44.35 -52.78
CA SER C 9 -27.04 -43.01 -52.97
C SER C 9 -25.70 -43.00 -53.68
N LEU C 10 -24.77 -43.81 -53.20
CA LEU C 10 -23.41 -43.89 -53.71
C LEU C 10 -23.17 -44.01 -55.22
N ASN C 11 -22.01 -43.52 -55.65
CA ASN C 11 -21.60 -43.60 -57.03
C ASN C 11 -20.56 -44.72 -57.12
N ASP C 12 -20.08 -45.03 -58.33
CA ASP C 12 -19.11 -46.12 -58.51
C ASP C 12 -18.02 -46.26 -57.47
N LYS C 13 -17.16 -45.24 -57.38
CA LYS C 13 -16.05 -45.25 -56.44
C LYS C 13 -16.47 -45.28 -54.98
N GLN C 14 -17.60 -44.64 -54.67
CA GLN C 14 -18.04 -44.67 -53.29
C GLN C 14 -18.42 -46.10 -52.96
N ARG C 15 -19.18 -46.75 -53.84
CA ARG C 15 -19.58 -48.13 -53.62
C ARG C 15 -18.37 -49.04 -53.38
N GLU C 16 -17.35 -48.90 -54.22
CA GLU C 16 -16.17 -49.72 -54.09
C GLU C 16 -15.48 -49.55 -52.75
N ALA C 17 -15.75 -48.45 -52.05
CA ALA C 17 -15.10 -48.25 -50.76
C ALA C 17 -16.03 -48.72 -49.65
N VAL C 18 -17.33 -48.55 -49.85
CA VAL C 18 -18.29 -48.94 -48.85
C VAL C 18 -18.47 -50.45 -48.83
N ALA C 19 -18.73 -51.03 -50.00
CA ALA C 19 -18.95 -52.47 -50.12
C ALA C 19 -17.64 -53.20 -50.45
N ALA C 20 -16.60 -52.94 -49.69
CA ALA C 20 -15.31 -53.58 -49.92
C ALA C 20 -14.99 -54.60 -48.84
N PRO C 21 -14.06 -55.50 -49.13
CA PRO C 21 -13.63 -56.54 -48.19
C PRO C 21 -13.02 -55.83 -46.99
N ARG C 22 -13.08 -56.45 -45.81
CA ARG C 22 -12.48 -55.81 -44.65
C ARG C 22 -10.98 -55.75 -44.88
N SER C 23 -10.47 -54.55 -45.10
CA SER C 23 -9.05 -54.38 -45.36
C SER C 23 -8.63 -52.93 -45.12
N ASN C 24 -7.32 -52.72 -45.12
CA ASN C 24 -6.79 -51.39 -44.94
C ASN C 24 -6.96 -50.62 -46.23
N LEU C 25 -7.72 -49.53 -46.13
CA LEU C 25 -8.02 -48.69 -47.28
C LEU C 25 -7.87 -47.20 -47.00
N LEU C 26 -7.48 -46.45 -48.03
CA LEU C 26 -7.31 -45.01 -47.95
C LEU C 26 -8.16 -44.36 -49.01
N VAL C 27 -9.11 -43.51 -48.60
CA VAL C 27 -9.95 -42.81 -49.57
C VAL C 27 -9.41 -41.38 -49.65
N LEU C 28 -8.75 -41.08 -50.78
CA LEU C 28 -8.15 -39.76 -51.02
C LEU C 28 -9.00 -39.03 -52.06
N ALA C 29 -9.59 -37.90 -51.66
CA ALA C 29 -10.44 -37.11 -52.55
C ALA C 29 -10.66 -35.65 -52.09
N GLY C 30 -10.91 -34.80 -53.09
CA GLY C 30 -11.15 -33.39 -52.84
C GLY C 30 -12.33 -33.17 -51.94
N ALA C 31 -12.55 -31.92 -51.57
CA ALA C 31 -13.64 -31.56 -50.67
C ALA C 31 -15.03 -31.79 -51.20
N GLY C 32 -15.93 -32.14 -50.30
CA GLY C 32 -17.32 -32.37 -50.67
C GLY C 32 -17.56 -33.49 -51.67
N SER C 33 -16.72 -34.52 -51.65
CA SER C 33 -16.90 -35.63 -52.58
C SER C 33 -17.49 -36.86 -51.92
N GLY C 34 -17.87 -36.72 -50.65
CA GLY C 34 -18.50 -37.83 -49.97
C GLY C 34 -17.65 -38.74 -49.11
N LYS C 35 -16.42 -38.33 -48.81
CA LYS C 35 -15.54 -39.16 -47.99
C LYS C 35 -16.22 -39.47 -46.68
N THR C 36 -16.77 -38.44 -46.05
CA THR C 36 -17.44 -38.60 -44.77
C THR C 36 -18.68 -39.46 -44.94
N ARG C 37 -19.26 -39.41 -46.14
CA ARG C 37 -20.45 -40.19 -46.43
C ARG C 37 -20.01 -41.65 -46.52
N VAL C 38 -18.92 -41.84 -47.25
CA VAL C 38 -18.37 -43.16 -47.43
C VAL C 38 -18.04 -43.76 -46.09
N LEU C 39 -17.29 -43.02 -45.27
CA LEU C 39 -16.90 -43.50 -43.94
C LEU C 39 -18.10 -43.87 -43.08
N VAL C 40 -19.14 -43.05 -43.06
CA VAL C 40 -20.30 -43.35 -42.25
C VAL C 40 -21.04 -44.58 -42.76
N HIS C 41 -21.17 -44.68 -44.08
CA HIS C 41 -21.85 -45.82 -44.67
C HIS C 41 -21.04 -47.09 -44.51
N ARG C 42 -19.73 -46.95 -44.54
CA ARG C 42 -18.83 -48.09 -44.37
C ARG C 42 -19.19 -48.73 -43.04
N ILE C 43 -19.39 -47.90 -42.01
CA ILE C 43 -19.76 -48.38 -40.70
C ILE C 43 -21.03 -49.24 -40.76
N ALA C 44 -22.07 -48.72 -41.39
CA ALA C 44 -23.32 -49.47 -41.51
C ALA C 44 -23.05 -50.78 -42.25
N TRP C 45 -22.22 -50.72 -43.28
CA TRP C 45 -21.89 -51.92 -44.03
C TRP C 45 -21.16 -52.93 -43.15
N LEU C 46 -20.18 -52.47 -42.39
CA LEU C 46 -19.43 -53.33 -41.50
C LEU C 46 -20.34 -53.91 -40.44
N MET C 47 -21.51 -53.31 -40.27
CA MET C 47 -22.39 -53.82 -39.23
C MET C 47 -23.48 -54.76 -39.68
N SER C 48 -24.03 -54.57 -40.88
CA SER C 48 -25.10 -55.44 -41.33
C SER C 48 -24.62 -56.54 -42.26
N VAL C 49 -23.62 -56.24 -43.08
CA VAL C 49 -23.08 -57.23 -44.00
C VAL C 49 -21.99 -58.02 -43.31
N GLU C 50 -20.94 -57.34 -42.87
CA GLU C 50 -19.84 -58.03 -42.18
C GLU C 50 -20.27 -58.46 -40.79
N ASN C 51 -21.51 -58.14 -40.43
CA ASN C 51 -22.08 -58.49 -39.14
C ASN C 51 -21.13 -58.27 -37.96
N CYS C 52 -20.44 -57.13 -37.99
CA CYS C 52 -19.51 -56.76 -36.93
C CYS C 52 -20.30 -56.14 -35.79
N SER C 53 -19.69 -56.14 -34.61
CA SER C 53 -20.32 -55.55 -33.44
C SER C 53 -20.12 -54.04 -33.39
N PRO C 54 -21.12 -53.32 -32.87
CA PRO C 54 -20.94 -51.87 -32.82
C PRO C 54 -19.78 -51.60 -31.86
N TYR C 55 -19.58 -52.51 -30.92
CA TYR C 55 -18.52 -52.37 -29.93
C TYR C 55 -17.12 -52.51 -30.53
N SER C 56 -17.04 -52.93 -31.80
CA SER C 56 -15.75 -53.11 -32.46
C SER C 56 -15.36 -51.96 -33.38
N ILE C 57 -16.23 -50.96 -33.47
CA ILE C 57 -16.01 -49.82 -34.34
C ILE C 57 -15.56 -48.54 -33.65
N MET C 58 -14.40 -48.04 -34.04
CA MET C 58 -13.89 -46.79 -33.49
C MET C 58 -13.77 -45.76 -34.61
N ALA C 59 -14.57 -44.69 -34.54
CA ALA C 59 -14.51 -43.64 -35.56
C ALA C 59 -13.86 -42.44 -34.87
N VAL C 60 -12.64 -42.11 -35.28
CA VAL C 60 -11.91 -41.00 -34.67
C VAL C 60 -11.45 -39.92 -35.65
N THR C 61 -11.38 -38.68 -35.13
CA THR C 61 -10.91 -37.53 -35.90
C THR C 61 -10.29 -36.52 -34.95
N PHE C 62 -9.67 -35.49 -35.51
CA PHE C 62 -9.03 -34.48 -34.69
C PHE C 62 -9.92 -33.40 -34.04
N THR C 63 -10.78 -32.73 -34.80
CA THR C 63 -11.61 -31.68 -34.20
C THR C 63 -13.00 -32.06 -33.74
N ASN C 64 -13.45 -31.41 -32.67
CA ASN C 64 -14.77 -31.65 -32.11
C ASN C 64 -15.87 -31.52 -33.15
N LYS C 65 -15.78 -30.48 -33.99
CA LYS C 65 -16.79 -30.25 -35.01
C LYS C 65 -16.84 -31.40 -36.02
N ALA C 66 -15.67 -31.85 -36.46
CA ALA C 66 -15.59 -32.93 -37.41
C ALA C 66 -16.18 -34.20 -36.81
N ALA C 67 -15.80 -34.50 -35.58
CA ALA C 67 -16.29 -35.68 -34.87
C ALA C 67 -17.79 -35.56 -34.70
N ALA C 68 -18.24 -34.43 -34.19
CA ALA C 68 -19.65 -34.19 -33.98
C ALA C 68 -20.37 -34.43 -35.29
N GLU C 69 -19.73 -34.03 -36.38
CA GLU C 69 -20.33 -34.22 -37.70
C GLU C 69 -20.57 -35.70 -38.00
N MET C 70 -19.59 -36.55 -37.68
CA MET C 70 -19.77 -37.99 -37.93
C MET C 70 -20.88 -38.48 -37.04
N ARG C 71 -20.77 -38.13 -35.75
CA ARG C 71 -21.73 -38.55 -34.76
C ARG C 71 -23.14 -38.33 -35.25
N HIS C 72 -23.37 -37.22 -35.93
CA HIS C 72 -24.69 -36.90 -36.44
C HIS C 72 -25.13 -37.75 -37.62
N ARG C 73 -24.28 -37.90 -38.61
CA ARG C 73 -24.63 -38.69 -39.79
C ARG C 73 -24.82 -40.16 -39.42
N ILE C 74 -24.01 -40.64 -38.49
CA ILE C 74 -24.13 -42.03 -38.04
C ILE C 74 -25.56 -42.19 -37.51
N GLY C 75 -25.90 -41.35 -36.55
CA GLY C 75 -27.21 -41.40 -35.93
C GLY C 75 -28.34 -41.20 -36.90
N GLN C 76 -28.09 -40.58 -38.03
CA GLN C 76 -29.19 -40.38 -38.96
C GLN C 76 -29.37 -41.59 -39.86
N LEU C 77 -28.26 -42.27 -40.14
CA LEU C 77 -28.25 -43.46 -41.00
C LEU C 77 -28.64 -44.74 -40.29
N MET C 78 -28.11 -44.92 -39.08
CA MET C 78 -28.38 -46.11 -38.31
C MET C 78 -29.30 -45.92 -37.13
N GLY C 79 -29.87 -44.72 -37.02
CA GLY C 79 -30.73 -44.46 -35.88
C GLY C 79 -29.78 -44.51 -34.70
N THR C 80 -29.71 -43.44 -33.92
CA THR C 80 -28.81 -43.37 -32.78
C THR C 80 -28.35 -44.73 -32.26
N SER C 81 -29.32 -45.62 -31.96
CA SER C 81 -29.05 -46.96 -31.45
C SER C 81 -27.85 -47.68 -32.07
N GLN C 82 -26.67 -47.44 -31.52
CA GLN C 82 -25.44 -48.06 -32.00
C GLN C 82 -24.52 -48.45 -30.86
N GLY C 83 -25.01 -49.37 -30.03
CA GLY C 83 -24.28 -49.88 -28.88
C GLY C 83 -23.06 -49.10 -28.40
N GLY C 84 -22.04 -49.85 -28.01
CA GLY C 84 -20.82 -49.23 -27.53
C GLY C 84 -19.83 -48.94 -28.62
N MET C 85 -20.18 -47.99 -29.48
CA MET C 85 -19.33 -47.57 -30.58
C MET C 85 -18.59 -46.31 -30.15
N TRP C 86 -17.29 -46.25 -30.41
CA TRP C 86 -16.49 -45.09 -30.01
C TRP C 86 -16.34 -44.04 -31.13
N VAL C 87 -16.97 -42.89 -30.94
CA VAL C 87 -16.91 -41.78 -31.89
C VAL C 87 -16.50 -40.52 -31.13
N GLY C 88 -15.35 -39.96 -31.47
CA GLY C 88 -14.89 -38.77 -30.77
C GLY C 88 -13.61 -38.26 -31.36
N THR C 89 -12.80 -37.56 -30.57
CA THR C 89 -11.56 -37.03 -31.09
C THR C 89 -10.36 -37.82 -30.57
N PHE C 90 -9.18 -37.60 -31.15
CA PHE C 90 -8.01 -38.30 -30.68
C PHE C 90 -7.83 -38.02 -29.19
N HIS C 91 -7.66 -36.74 -28.85
CA HIS C 91 -7.49 -36.36 -27.45
C HIS C 91 -8.63 -36.85 -26.56
N GLY C 92 -9.85 -36.82 -27.08
CA GLY C 92 -10.98 -37.24 -26.30
C GLY C 92 -10.96 -38.72 -25.98
N LEU C 93 -10.73 -39.54 -27.00
CA LEU C 93 -10.69 -40.97 -26.80
C LEU C 93 -9.44 -41.27 -25.99
N ALA C 94 -8.38 -40.52 -26.25
CA ALA C 94 -7.13 -40.70 -25.53
C ALA C 94 -7.44 -40.43 -24.06
N HIS C 95 -8.31 -39.45 -23.81
CA HIS C 95 -8.69 -39.10 -22.46
C HIS C 95 -9.46 -40.26 -21.83
N ARG C 96 -10.51 -40.70 -22.51
CA ARG C 96 -11.35 -41.78 -22.04
C ARG C 96 -10.55 -43.03 -21.62
N LEU C 97 -9.42 -43.27 -22.27
CA LEU C 97 -8.59 -44.41 -21.95
C LEU C 97 -7.90 -44.16 -20.62
N LEU C 98 -6.99 -43.18 -20.63
CA LEU C 98 -6.23 -42.83 -19.44
C LEU C 98 -7.09 -42.72 -18.19
N ARG C 99 -8.38 -42.41 -18.34
CA ARG C 99 -9.27 -42.31 -17.20
C ARG C 99 -9.64 -43.70 -16.66
N ALA C 100 -10.10 -44.57 -17.55
CA ALA C 100 -10.49 -45.92 -17.15
C ALA C 100 -9.29 -46.84 -16.89
N HIS C 101 -8.10 -46.25 -16.84
CA HIS C 101 -6.87 -47.00 -16.58
C HIS C 101 -5.84 -46.10 -15.93
N HIS C 102 -6.26 -45.20 -15.06
CA HIS C 102 -5.30 -44.29 -14.43
C HIS C 102 -4.16 -44.98 -13.71
N MET C 103 -4.47 -46.04 -12.96
CA MET C 103 -3.47 -46.79 -12.22
C MET C 103 -2.34 -47.26 -13.14
N ASP C 104 -2.70 -47.99 -14.18
CA ASP C 104 -1.71 -48.49 -15.12
C ASP C 104 -1.04 -47.32 -15.84
N ALA C 105 -1.75 -46.21 -15.94
CA ALA C 105 -1.23 -45.03 -16.61
C ALA C 105 -0.36 -44.24 -15.63
N ASN C 106 -0.50 -44.55 -14.34
CA ASN C 106 0.28 -43.88 -13.30
C ASN C 106 -0.28 -42.49 -12.96
N LEU C 107 -1.58 -42.32 -13.16
CA LEU C 107 -2.24 -41.05 -12.87
C LEU C 107 -3.24 -41.24 -11.76
N PRO C 108 -3.45 -40.19 -10.94
CA PRO C 108 -4.42 -40.29 -9.86
C PRO C 108 -5.82 -40.43 -10.44
N GLN C 109 -6.76 -40.92 -9.64
CA GLN C 109 -8.13 -41.10 -10.10
C GLN C 109 -8.84 -39.77 -10.37
N ASP C 110 -8.08 -38.67 -10.35
CA ASP C 110 -8.69 -37.36 -10.58
C ASP C 110 -7.86 -36.40 -11.42
N PHE C 111 -6.76 -36.88 -12.00
CA PHE C 111 -5.91 -36.02 -12.81
C PHE C 111 -6.73 -34.94 -13.50
N GLN C 112 -6.29 -33.70 -13.34
CA GLN C 112 -6.94 -32.52 -13.89
C GLN C 112 -6.24 -32.13 -15.20
N ILE C 113 -7.02 -31.74 -16.20
CA ILE C 113 -6.48 -31.34 -17.50
C ILE C 113 -5.99 -29.90 -17.51
N LEU C 114 -4.73 -29.74 -17.91
CA LEU C 114 -4.07 -28.45 -17.96
C LEU C 114 -4.21 -27.79 -19.32
N ASP C 115 -5.09 -26.80 -19.42
CA ASP C 115 -5.31 -26.13 -20.69
C ASP C 115 -4.19 -25.15 -21.04
N SER C 116 -4.21 -24.65 -22.27
CA SER C 116 -3.20 -23.73 -22.77
C SER C 116 -2.80 -22.59 -21.83
N GLU C 117 -3.78 -22.00 -21.17
CA GLU C 117 -3.49 -20.89 -20.26
C GLU C 117 -2.66 -21.34 -19.06
N ASP C 118 -3.21 -22.23 -18.24
CA ASP C 118 -2.50 -22.73 -17.06
C ASP C 118 -1.11 -23.22 -17.43
N GLN C 119 -1.03 -24.02 -18.48
CA GLN C 119 0.25 -24.55 -18.91
C GLN C 119 1.28 -23.42 -19.01
N LEU C 120 0.92 -22.34 -19.68
CA LEU C 120 1.82 -21.21 -19.84
C LEU C 120 2.15 -20.55 -18.51
N ARG C 121 1.15 -20.38 -17.66
CA ARG C 121 1.37 -19.78 -16.35
C ARG C 121 2.30 -20.66 -15.55
N LEU C 122 2.01 -21.96 -15.53
CA LEU C 122 2.82 -22.90 -14.79
C LEU C 122 4.26 -22.85 -15.27
N LEU C 123 4.47 -22.64 -16.56
CA LEU C 123 5.83 -22.57 -17.07
C LEU C 123 6.52 -21.30 -16.59
N LYS C 124 5.77 -20.22 -16.43
CA LYS C 124 6.34 -18.97 -15.94
C LYS C 124 7.00 -19.25 -14.60
N ARG C 125 6.17 -19.59 -13.61
CA ARG C 125 6.65 -19.91 -12.26
C ARG C 125 7.90 -20.75 -12.35
N LEU C 126 7.75 -21.93 -12.94
CA LEU C 126 8.83 -22.88 -13.10
C LEU C 126 10.09 -22.24 -13.66
N ILE C 127 9.96 -21.43 -14.70
CA ILE C 127 11.12 -20.78 -15.30
C ILE C 127 11.84 -19.82 -14.36
N LYS C 128 11.07 -19.13 -13.52
CA LYS C 128 11.66 -18.20 -12.57
C LYS C 128 12.42 -18.97 -11.49
N ALA C 129 11.76 -19.98 -10.93
CA ALA C 129 12.34 -20.83 -9.88
C ALA C 129 13.69 -21.42 -10.27
N MET C 130 14.00 -21.39 -11.57
CA MET C 130 15.26 -21.92 -12.06
C MET C 130 16.20 -20.75 -12.32
N ASN C 131 15.83 -19.59 -11.78
CA ASN C 131 16.62 -18.37 -11.93
C ASN C 131 17.09 -18.15 -13.36
N LEU C 132 16.22 -18.49 -14.31
CA LEU C 132 16.50 -18.32 -15.73
C LEU C 132 15.92 -16.97 -16.17
N ASP C 133 16.65 -16.27 -17.03
CA ASP C 133 16.20 -14.95 -17.50
C ASP C 133 14.89 -15.03 -18.28
N GLU C 134 13.91 -14.25 -17.82
CA GLU C 134 12.58 -14.21 -18.43
C GLU C 134 12.58 -14.04 -19.95
N LYS C 135 13.39 -13.13 -20.47
CA LYS C 135 13.44 -12.91 -21.91
C LYS C 135 14.61 -13.63 -22.57
N GLN C 136 15.24 -14.54 -21.84
CA GLN C 136 16.37 -15.29 -22.40
C GLN C 136 15.78 -16.66 -22.73
N TRP C 137 14.66 -16.98 -22.10
CA TRP C 137 13.95 -18.23 -22.29
C TRP C 137 12.46 -17.96 -22.13
N PRO C 138 11.85 -17.29 -23.12
CA PRO C 138 10.43 -16.94 -23.10
C PRO C 138 9.53 -18.14 -22.78
N PRO C 139 8.65 -18.01 -21.78
CA PRO C 139 7.75 -19.10 -21.43
C PRO C 139 6.95 -19.58 -22.65
N ARG C 140 6.54 -18.64 -23.49
CA ARG C 140 5.79 -18.98 -24.71
C ARG C 140 6.65 -19.90 -25.54
N GLN C 141 7.88 -19.45 -25.80
CA GLN C 141 8.85 -20.22 -26.58
C GLN C 141 9.16 -21.56 -25.91
N ALA C 142 8.80 -21.69 -24.64
CA ALA C 142 9.03 -22.93 -23.90
C ALA C 142 7.87 -23.88 -24.13
N MET C 143 6.66 -23.33 -24.02
CA MET C 143 5.44 -24.10 -24.24
C MET C 143 5.47 -24.69 -25.63
N TRP C 144 5.93 -23.89 -26.59
CA TRP C 144 6.03 -24.36 -27.96
C TRP C 144 6.98 -25.55 -28.07
N TYR C 145 8.07 -25.51 -27.31
CA TYR C 145 9.05 -26.59 -27.33
C TYR C 145 8.44 -27.87 -26.80
N ILE C 146 8.18 -27.89 -25.49
CA ILE C 146 7.61 -29.04 -24.84
C ILE C 146 6.54 -29.72 -25.67
N ASN C 147 5.55 -28.94 -26.11
CA ASN C 147 4.47 -29.49 -26.91
C ASN C 147 4.94 -30.12 -28.22
N SER C 148 5.79 -29.43 -28.96
CA SER C 148 6.29 -29.97 -30.21
C SER C 148 6.89 -31.35 -29.95
N GLN C 149 7.64 -31.45 -28.86
CA GLN C 149 8.26 -32.72 -28.49
C GLN C 149 7.18 -33.76 -28.31
N LYS C 150 6.23 -33.48 -27.42
CA LYS C 150 5.14 -34.42 -27.18
C LYS C 150 4.38 -34.77 -28.46
N ASP C 151 4.27 -33.80 -29.39
CA ASP C 151 3.57 -34.05 -30.64
C ASP C 151 4.25 -35.18 -31.38
N GLU C 152 5.55 -35.34 -31.13
CA GLU C 152 6.35 -36.38 -31.75
C GLU C 152 6.40 -37.64 -30.90
N GLY C 153 6.13 -37.47 -29.61
CA GLY C 153 6.15 -38.61 -28.70
C GLY C 153 7.41 -38.61 -27.85
N LEU C 154 8.29 -37.65 -28.10
CA LEU C 154 9.54 -37.55 -27.37
C LEU C 154 9.35 -37.15 -25.92
N ARG C 155 10.26 -37.65 -25.07
CA ARG C 155 10.27 -37.37 -23.65
C ARG C 155 11.59 -36.65 -23.37
N PRO C 156 11.70 -36.02 -22.18
CA PRO C 156 12.91 -35.29 -21.79
C PRO C 156 14.21 -35.91 -22.28
N HIS C 157 14.26 -37.24 -22.23
CA HIS C 157 15.42 -38.00 -22.66
C HIS C 157 16.14 -37.36 -23.85
N HIS C 158 15.40 -37.17 -24.95
CA HIS C 158 15.91 -36.59 -26.20
C HIS C 158 17.14 -35.71 -25.97
N ILE C 159 18.23 -36.04 -26.65
CA ILE C 159 19.46 -35.27 -26.51
C ILE C 159 20.19 -35.04 -27.83
N GLN C 160 21.51 -34.93 -27.74
CA GLN C 160 22.42 -34.70 -28.87
C GLN C 160 22.64 -33.19 -29.04
N ASN C 164 24.46 -29.53 -28.28
CA ASN C 164 24.24 -28.09 -28.27
C ASN C 164 23.82 -27.64 -26.87
N PRO C 165 24.06 -26.36 -26.54
CA PRO C 165 23.72 -25.77 -25.24
C PRO C 165 22.23 -25.52 -25.07
N VAL C 166 21.67 -24.71 -25.97
CA VAL C 166 20.25 -24.38 -25.94
C VAL C 166 19.42 -25.65 -25.75
N GLU C 167 19.69 -26.65 -26.59
CA GLU C 167 19.01 -27.93 -26.54
C GLU C 167 18.91 -28.44 -25.11
N GLN C 168 20.07 -28.71 -24.50
CA GLN C 168 20.13 -29.22 -23.14
C GLN C 168 19.34 -28.38 -22.14
N THR C 169 19.27 -27.07 -22.37
CA THR C 169 18.54 -26.19 -21.47
C THR C 169 17.07 -26.57 -21.47
N TRP C 170 16.38 -26.25 -22.57
CA TRP C 170 14.97 -26.57 -22.74
C TRP C 170 14.73 -27.98 -22.23
N GLN C 171 15.61 -28.88 -22.61
CA GLN C 171 15.53 -30.28 -22.22
C GLN C 171 15.25 -30.34 -20.72
N LYS C 172 15.97 -29.52 -19.97
CA LYS C 172 15.82 -29.46 -18.52
C LYS C 172 14.49 -28.81 -18.17
N VAL C 173 14.19 -27.67 -18.79
CA VAL C 173 12.94 -26.96 -18.54
C VAL C 173 11.80 -27.94 -18.74
N TYR C 174 11.93 -28.75 -19.80
CA TYR C 174 10.93 -29.75 -20.15
C TYR C 174 10.75 -30.72 -18.98
N GLN C 175 11.84 -31.39 -18.60
CA GLN C 175 11.80 -32.35 -17.50
C GLN C 175 11.25 -31.71 -16.23
N ALA C 176 11.75 -30.51 -15.91
CA ALA C 176 11.28 -29.80 -14.73
C ALA C 176 9.76 -29.76 -14.74
N TYR C 177 9.23 -29.35 -15.89
CA TYR C 177 7.79 -29.23 -16.12
C TYR C 177 7.06 -30.55 -15.90
N GLN C 178 7.54 -31.60 -16.55
CA GLN C 178 6.93 -32.91 -16.41
C GLN C 178 6.77 -33.28 -14.96
N GLU C 179 7.90 -33.31 -14.25
CA GLU C 179 7.91 -33.63 -12.84
C GLU C 179 6.85 -32.83 -12.10
N ALA C 180 6.89 -31.51 -12.29
CA ALA C 180 5.93 -30.60 -11.65
C ALA C 180 4.48 -31.06 -11.85
N CYS C 181 4.15 -31.43 -13.08
CA CYS C 181 2.80 -31.89 -13.37
C CYS C 181 2.52 -33.18 -12.61
N ASP C 182 3.38 -34.18 -12.81
CA ASP C 182 3.19 -35.46 -12.13
C ASP C 182 2.89 -35.28 -10.64
N ARG C 183 3.61 -34.38 -9.99
CA ARG C 183 3.37 -34.14 -8.56
C ARG C 183 1.96 -33.60 -8.39
N ALA C 184 1.68 -32.52 -9.11
CA ALA C 184 0.38 -31.85 -9.06
C ALA C 184 -0.74 -32.73 -9.62
N GLY C 185 -0.36 -33.75 -10.38
CA GLY C 185 -1.35 -34.62 -10.97
C GLY C 185 -2.09 -33.86 -12.06
N LEU C 186 -1.34 -33.16 -12.90
CA LEU C 186 -1.93 -32.38 -13.97
C LEU C 186 -1.53 -32.96 -15.32
N VAL C 187 -2.47 -32.94 -16.27
CA VAL C 187 -2.22 -33.47 -17.60
C VAL C 187 -2.57 -32.46 -18.67
N ASP C 188 -1.59 -32.08 -19.50
CA ASP C 188 -1.84 -31.14 -20.58
C ASP C 188 -2.35 -31.93 -21.77
N PHE C 189 -2.88 -31.23 -22.77
CA PHE C 189 -3.42 -31.87 -23.97
C PHE C 189 -2.47 -32.85 -24.64
N ALA C 190 -1.23 -32.42 -24.85
CA ALA C 190 -0.24 -33.28 -25.50
C ALA C 190 0.04 -34.54 -24.66
N GLU C 191 -0.06 -34.39 -23.34
CA GLU C 191 0.16 -35.49 -22.42
C GLU C 191 -0.87 -36.60 -22.62
N LEU C 192 -2.07 -36.24 -23.08
CA LEU C 192 -3.14 -37.19 -23.31
C LEU C 192 -2.80 -38.19 -24.38
N LEU C 193 -2.24 -37.70 -25.47
CA LEU C 193 -1.89 -38.57 -26.58
C LEU C 193 -0.66 -39.40 -26.23
N LEU C 194 0.38 -38.76 -25.73
CA LEU C 194 1.61 -39.46 -25.37
C LEU C 194 1.41 -40.51 -24.27
N ARG C 195 0.75 -40.11 -23.18
CA ARG C 195 0.50 -41.05 -22.09
C ARG C 195 -0.21 -42.28 -22.63
N ALA C 196 -1.38 -42.06 -23.22
CA ALA C 196 -2.19 -43.13 -23.80
C ALA C 196 -1.42 -44.03 -24.76
N HIS C 197 -0.48 -43.45 -25.51
CA HIS C 197 0.30 -44.27 -26.42
C HIS C 197 1.10 -45.23 -25.55
N GLU C 198 1.85 -44.64 -24.62
CA GLU C 198 2.68 -45.38 -23.67
C GLU C 198 1.92 -46.48 -22.97
N LEU C 199 0.71 -46.16 -22.50
CA LEU C 199 -0.12 -47.11 -21.78
C LEU C 199 -0.22 -48.46 -22.48
N TRP C 200 -0.04 -48.45 -23.80
CA TRP C 200 -0.11 -49.68 -24.59
C TRP C 200 1.28 -50.30 -24.78
N LEU C 201 2.31 -49.47 -24.77
CA LEU C 201 3.67 -49.96 -24.92
C LEU C 201 4.12 -50.53 -23.58
N ASN C 202 3.51 -50.05 -22.51
CA ASN C 202 3.86 -50.50 -21.17
C ASN C 202 2.81 -51.37 -20.49
N LYS C 203 1.88 -51.91 -21.25
CA LYS C 203 0.85 -52.78 -20.68
C LYS C 203 0.26 -53.67 -21.77
N PRO C 204 1.12 -54.48 -22.42
CA PRO C 204 0.74 -55.39 -23.50
C PRO C 204 -0.58 -56.10 -23.31
N HIS C 205 -0.90 -56.46 -22.08
CA HIS C 205 -2.16 -57.14 -21.87
C HIS C 205 -3.29 -56.18 -22.17
N ILE C 206 -3.13 -54.91 -21.79
CA ILE C 206 -4.15 -53.90 -22.04
C ILE C 206 -4.33 -53.70 -23.54
N LEU C 207 -3.22 -53.47 -24.24
CA LEU C 207 -3.26 -53.30 -25.69
C LEU C 207 -4.05 -54.46 -26.28
N GLN C 208 -3.67 -55.68 -25.91
CA GLN C 208 -4.32 -56.89 -26.38
C GLN C 208 -5.83 -56.74 -26.34
N HIS C 209 -6.34 -56.36 -25.18
CA HIS C 209 -7.77 -56.18 -24.98
C HIS C 209 -8.41 -55.30 -26.05
N TYR C 210 -7.78 -54.17 -26.32
CA TYR C 210 -8.30 -53.23 -27.30
C TYR C 210 -8.16 -53.70 -28.74
N ARG C 211 -7.06 -54.38 -29.06
CA ARG C 211 -6.88 -54.88 -30.42
C ARG C 211 -7.93 -55.93 -30.68
N GLU C 212 -8.40 -56.56 -29.62
CA GLU C 212 -9.41 -57.60 -29.75
C GLU C 212 -10.79 -56.97 -29.83
N ARG C 213 -10.91 -55.72 -29.38
CA ARG C 213 -12.20 -55.04 -29.42
C ARG C 213 -12.38 -54.20 -30.68
N PHE C 214 -11.41 -53.33 -30.95
CA PHE C 214 -11.51 -52.44 -32.10
C PHE C 214 -10.71 -52.98 -33.28
N THR C 215 -11.42 -53.77 -34.06
CA THR C 215 -10.90 -54.41 -35.24
C THR C 215 -11.38 -53.63 -36.45
N ASN C 216 -12.10 -52.55 -36.17
CA ASN C 216 -12.61 -51.68 -37.20
C ASN C 216 -12.34 -50.22 -36.82
N ILE C 217 -11.29 -49.66 -37.42
CA ILE C 217 -10.89 -48.28 -37.16
C ILE C 217 -11.10 -47.38 -38.38
N LEU C 218 -11.80 -46.28 -38.18
CA LEU C 218 -12.05 -45.32 -39.25
C LEU C 218 -11.69 -43.92 -38.80
N VAL C 219 -10.84 -43.25 -39.57
CA VAL C 219 -10.40 -41.90 -39.27
C VAL C 219 -10.85 -40.90 -40.35
N ASP C 220 -11.51 -39.81 -39.95
CA ASP C 220 -11.96 -38.80 -40.91
C ASP C 220 -10.92 -37.70 -40.88
N GLU C 221 -10.80 -36.97 -41.98
CA GLU C 221 -9.87 -35.84 -42.08
C GLU C 221 -8.49 -36.31 -41.66
N PHE C 222 -8.05 -37.42 -42.22
CA PHE C 222 -6.76 -37.98 -41.85
C PHE C 222 -5.58 -37.02 -41.88
N GLN C 223 -5.57 -36.11 -42.84
CA GLN C 223 -4.43 -35.20 -42.95
C GLN C 223 -4.23 -34.36 -41.72
N ASP C 224 -5.14 -34.48 -40.76
CA ASP C 224 -5.01 -33.73 -39.51
C ASP C 224 -4.11 -34.44 -38.51
N THR C 225 -3.90 -35.74 -38.69
CA THR C 225 -3.09 -36.51 -37.76
C THR C 225 -1.63 -36.17 -37.82
N ASN C 226 -1.01 -36.02 -36.65
CA ASN C 226 0.42 -35.74 -36.56
C ASN C 226 1.13 -37.05 -36.20
N ASN C 227 2.34 -36.98 -35.66
CA ASN C 227 3.07 -38.22 -35.36
C ASN C 227 2.60 -39.08 -34.20
N ILE C 228 2.32 -38.49 -33.05
CA ILE C 228 1.89 -39.29 -31.93
C ILE C 228 0.53 -39.93 -32.20
N GLN C 229 -0.25 -39.29 -33.07
CA GLN C 229 -1.57 -39.79 -33.40
C GLN C 229 -1.51 -40.92 -34.40
N TYR C 230 -0.56 -40.82 -35.33
CA TYR C 230 -0.37 -41.87 -36.33
C TYR C 230 0.03 -43.11 -35.56
N ALA C 231 1.07 -42.93 -34.75
CA ALA C 231 1.62 -43.99 -33.92
C ALA C 231 0.51 -44.69 -33.17
N TRP C 232 -0.28 -43.89 -32.46
CA TRP C 232 -1.39 -44.43 -31.68
C TRP C 232 -2.33 -45.31 -32.51
N ILE C 233 -2.51 -44.96 -33.77
CA ILE C 233 -3.40 -45.74 -34.62
C ILE C 233 -2.71 -46.98 -35.20
N ARG C 234 -1.50 -46.80 -35.72
CA ARG C 234 -0.76 -47.91 -36.27
C ARG C 234 -0.74 -48.97 -35.16
N LEU C 235 -0.55 -48.52 -33.93
CA LEU C 235 -0.52 -49.39 -32.77
C LEU C 235 -1.78 -50.22 -32.65
N LEU C 236 -2.86 -49.57 -32.20
CA LEU C 236 -4.16 -50.25 -32.03
C LEU C 236 -4.49 -51.22 -33.16
N ALA C 237 -4.05 -50.88 -34.37
CA ALA C 237 -4.31 -51.73 -35.53
C ALA C 237 -3.32 -52.90 -35.62
N GLY C 238 -2.10 -52.68 -35.16
CA GLY C 238 -1.09 -53.71 -35.21
C GLY C 238 -1.08 -54.42 -36.55
N ASP C 239 -1.27 -55.74 -36.52
CA ASP C 239 -1.29 -56.54 -37.74
C ASP C 239 -2.63 -57.22 -37.93
N THR C 240 -3.58 -56.96 -37.04
CA THR C 240 -4.89 -57.59 -37.12
C THR C 240 -6.04 -56.63 -37.42
N GLY C 241 -5.84 -55.36 -37.05
CA GLY C 241 -6.87 -54.36 -37.28
C GLY C 241 -7.08 -53.89 -38.72
N LYS C 242 -8.35 -53.65 -39.06
CA LYS C 242 -8.69 -53.18 -40.40
C LYS C 242 -9.08 -51.71 -40.31
N VAL C 243 -8.22 -50.87 -40.88
CA VAL C 243 -8.42 -49.43 -40.85
C VAL C 243 -8.83 -48.77 -42.16
N MET C 244 -9.63 -47.73 -42.05
CA MET C 244 -10.03 -46.95 -43.21
C MET C 244 -9.75 -45.49 -42.86
N ILE C 245 -8.96 -44.84 -43.70
CA ILE C 245 -8.66 -43.44 -43.49
C ILE C 245 -9.10 -42.66 -44.73
N VAL C 246 -9.73 -41.52 -44.52
CA VAL C 246 -10.20 -40.69 -45.61
C VAL C 246 -9.62 -39.27 -45.42
N GLY C 247 -9.32 -38.60 -46.51
CA GLY C 247 -8.78 -37.25 -46.41
C GLY C 247 -8.44 -36.64 -47.73
N ASP C 248 -7.84 -35.46 -47.69
CA ASP C 248 -7.44 -34.70 -48.87
C ASP C 248 -6.15 -33.97 -48.49
N ASP C 249 -5.06 -34.27 -49.20
CA ASP C 249 -3.80 -33.63 -48.87
C ASP C 249 -3.89 -32.13 -49.10
N ASP C 250 -4.86 -31.70 -49.90
CA ASP C 250 -5.04 -30.28 -50.15
C ASP C 250 -5.64 -29.51 -48.99
N GLN C 251 -6.16 -30.23 -48.01
CA GLN C 251 -6.77 -29.58 -46.85
C GLN C 251 -5.90 -29.77 -45.62
N SER C 252 -4.60 -29.89 -45.84
CA SER C 252 -3.64 -30.06 -44.76
C SER C 252 -3.38 -28.68 -44.15
N ILE C 253 -4.00 -28.40 -43.01
CA ILE C 253 -3.86 -27.09 -42.40
C ILE C 253 -3.38 -27.09 -40.95
N TYR C 254 -2.63 -28.10 -40.53
CA TYR C 254 -2.16 -28.14 -39.16
C TYR C 254 -0.66 -28.37 -39.02
N GLY C 255 0.12 -27.96 -40.01
CA GLY C 255 1.56 -28.14 -39.95
C GLY C 255 2.11 -27.59 -38.65
N TRP C 256 1.53 -26.49 -38.18
CA TRP C 256 1.99 -25.87 -36.94
C TRP C 256 1.85 -26.79 -35.72
N ARG C 257 1.29 -27.98 -35.92
CA ARG C 257 1.16 -28.91 -34.80
C ARG C 257 1.49 -30.35 -35.19
N GLY C 258 2.43 -30.51 -36.13
CA GLY C 258 2.85 -31.85 -36.53
C GLY C 258 2.17 -32.58 -37.69
N ALA C 259 0.87 -32.39 -37.89
CA ALA C 259 0.18 -33.07 -38.98
C ALA C 259 0.82 -32.80 -40.33
N GLN C 260 1.70 -33.70 -40.77
CA GLN C 260 2.37 -33.55 -42.06
C GLN C 260 1.82 -34.51 -43.11
N VAL C 261 1.75 -34.04 -44.35
CA VAL C 261 1.23 -34.78 -45.49
C VAL C 261 1.75 -36.22 -45.59
N GLU C 262 3.02 -36.40 -45.25
CA GLU C 262 3.67 -37.70 -45.30
C GLU C 262 2.82 -38.86 -44.77
N ASN C 263 2.20 -38.66 -43.60
CA ASN C 263 1.38 -39.70 -42.98
C ASN C 263 0.45 -40.46 -43.90
N ILE C 264 0.10 -39.88 -45.04
CA ILE C 264 -0.79 -40.57 -45.96
C ILE C 264 -0.01 -41.67 -46.67
N GLN C 265 1.23 -41.37 -47.04
CA GLN C 265 2.07 -42.36 -47.71
C GLN C 265 2.49 -43.41 -46.67
N ARG C 266 2.88 -42.94 -45.49
CA ARG C 266 3.28 -43.83 -44.39
C ARG C 266 2.20 -44.89 -44.17
N PHE C 267 0.94 -44.47 -44.24
CA PHE C 267 -0.15 -45.42 -44.06
C PHE C 267 -0.11 -46.45 -45.17
N LEU C 268 0.25 -46.01 -46.37
CA LEU C 268 0.32 -46.92 -47.49
C LEU C 268 1.52 -47.84 -47.38
N ASN C 269 2.57 -47.37 -46.72
CA ASN C 269 3.76 -48.18 -46.54
C ASN C 269 3.67 -49.11 -45.35
N ASP C 270 3.20 -48.57 -44.22
CA ASP C 270 3.13 -49.34 -42.99
C ASP C 270 1.92 -50.25 -42.76
N PHE C 271 0.79 -49.99 -43.41
CA PHE C 271 -0.37 -50.84 -43.16
C PHE C 271 -0.52 -51.99 -44.15
N PRO C 272 -0.73 -53.20 -43.63
CA PRO C 272 -0.88 -54.40 -44.44
C PRO C 272 -2.01 -54.30 -45.46
N GLY C 273 -1.71 -54.62 -46.71
CA GLY C 273 -2.73 -54.58 -47.74
C GLY C 273 -3.09 -53.20 -48.24
N ALA C 274 -2.76 -52.17 -47.47
CA ALA C 274 -3.05 -50.78 -47.82
C ALA C 274 -3.28 -50.53 -49.30
N GLU C 275 -4.41 -49.91 -49.62
CA GLU C 275 -4.73 -49.58 -51.00
C GLU C 275 -5.48 -48.27 -51.08
N THR C 276 -5.28 -47.55 -52.18
CA THR C 276 -5.93 -46.27 -52.38
C THR C 276 -7.17 -46.34 -53.28
N ILE C 277 -8.16 -45.52 -52.94
CA ILE C 277 -9.38 -45.40 -53.70
C ILE C 277 -9.56 -43.89 -53.83
N ARG C 278 -9.72 -43.41 -55.06
CA ARG C 278 -9.88 -41.99 -55.31
C ARG C 278 -11.26 -41.63 -55.81
N LEU C 279 -11.88 -40.64 -55.18
CA LEU C 279 -13.19 -40.20 -55.63
C LEU C 279 -12.93 -38.97 -56.49
N GLU C 280 -13.93 -38.52 -57.24
CA GLU C 280 -13.77 -37.36 -58.10
C GLU C 280 -14.99 -36.46 -58.27
N GLN C 281 -16.18 -36.97 -57.99
CA GLN C 281 -17.39 -36.17 -58.16
C GLN C 281 -17.85 -35.44 -56.89
N ASN C 282 -17.94 -34.11 -56.99
CA ASN C 282 -18.36 -33.27 -55.88
C ASN C 282 -19.87 -33.12 -55.85
N TYR C 283 -20.47 -33.25 -54.68
CA TYR C 283 -21.92 -33.15 -54.52
C TYR C 283 -22.35 -31.95 -53.67
N ARG C 284 -21.39 -31.21 -53.12
CA ARG C 284 -21.71 -30.09 -52.23
C ARG C 284 -21.95 -28.72 -52.86
N SER C 285 -21.01 -28.26 -53.65
CA SER C 285 -21.09 -26.92 -54.19
C SER C 285 -21.54 -26.70 -55.61
N THR C 286 -21.93 -25.46 -55.90
CA THR C 286 -22.34 -25.06 -57.23
C THR C 286 -21.10 -25.12 -58.07
N SER C 287 -21.28 -25.12 -59.38
CA SER C 287 -20.16 -25.17 -60.31
C SER C 287 -19.23 -23.98 -60.14
N ASN C 288 -19.80 -22.79 -59.96
CA ASN C 288 -19.02 -21.57 -59.77
C ASN C 288 -18.12 -21.73 -58.57
N ILE C 289 -18.69 -22.14 -57.45
CA ILE C 289 -17.92 -22.30 -56.24
C ILE C 289 -16.79 -23.32 -56.43
N LEU C 290 -17.09 -24.44 -57.07
CA LEU C 290 -16.07 -25.46 -57.29
C LEU C 290 -14.97 -24.92 -58.23
N SER C 291 -15.38 -24.30 -59.33
CA SER C 291 -14.44 -23.73 -60.30
C SER C 291 -13.48 -22.79 -59.59
N ALA C 292 -13.98 -22.07 -58.60
CA ALA C 292 -13.15 -21.14 -57.88
C ALA C 292 -12.15 -21.88 -57.00
N ALA C 293 -12.65 -22.87 -56.26
CA ALA C 293 -11.80 -23.65 -55.37
C ALA C 293 -10.67 -24.27 -56.17
N ASN C 294 -11.02 -24.82 -57.33
CA ASN C 294 -10.01 -25.45 -58.18
C ASN C 294 -8.98 -24.44 -58.64
N ALA C 295 -9.44 -23.35 -59.25
CA ALA C 295 -8.51 -22.34 -59.72
C ALA C 295 -7.64 -21.91 -58.57
N LEU C 296 -8.24 -21.76 -57.40
CA LEU C 296 -7.53 -21.33 -56.20
C LEU C 296 -6.40 -22.27 -55.77
N ILE C 297 -6.73 -23.56 -55.61
CA ILE C 297 -5.76 -24.55 -55.17
C ILE C 297 -4.59 -24.81 -56.14
N GLU C 298 -4.85 -24.72 -57.43
CA GLU C 298 -3.83 -24.94 -58.46
C GLU C 298 -2.58 -24.08 -58.25
N ASN C 299 -2.73 -22.97 -57.54
CA ASN C 299 -1.62 -22.05 -57.30
C ASN C 299 -0.58 -22.60 -56.33
N ASN C 300 -0.88 -23.73 -55.71
CA ASN C 300 0.09 -24.37 -54.83
C ASN C 300 0.84 -25.38 -55.71
N ASN C 301 2.15 -25.51 -55.48
CA ASN C 301 2.98 -26.40 -56.29
C ASN C 301 3.20 -27.79 -55.74
N GLY C 302 3.29 -28.75 -56.66
CA GLY C 302 3.52 -30.13 -56.28
C GLY C 302 2.26 -30.91 -56.03
N ARG C 303 1.28 -30.75 -56.91
CA ARG C 303 0.02 -31.46 -56.74
C ARG C 303 -0.23 -32.45 -57.86
N LEU C 304 -0.50 -33.70 -57.49
CA LEU C 304 -0.77 -34.76 -58.44
C LEU C 304 -1.97 -34.44 -59.32
N GLY C 305 -2.59 -33.29 -59.07
CA GLY C 305 -3.75 -32.87 -59.84
C GLY C 305 -4.99 -33.73 -59.61
N LYS C 306 -5.68 -33.47 -58.50
CA LYS C 306 -6.89 -34.21 -58.19
C LYS C 306 -8.05 -33.74 -59.09
N LYS C 307 -8.92 -34.68 -59.44
CA LYS C 307 -10.06 -34.39 -60.30
C LYS C 307 -10.95 -33.20 -59.84
N LEU C 308 -12.10 -33.54 -59.26
CA LEU C 308 -13.08 -32.58 -58.77
C LEU C 308 -13.94 -31.89 -59.82
N TRP C 309 -15.06 -32.50 -60.13
CA TRP C 309 -16.01 -31.97 -61.10
C TRP C 309 -17.43 -32.03 -60.54
N THR C 310 -18.40 -31.54 -61.29
CA THR C 310 -19.75 -31.58 -60.81
C THR C 310 -20.78 -31.43 -61.92
N ASP C 311 -21.95 -32.00 -61.70
CA ASP C 311 -23.04 -31.94 -62.65
C ASP C 311 -23.83 -30.66 -62.43
N GLY C 312 -23.73 -30.13 -61.22
CA GLY C 312 -24.46 -28.93 -60.85
C GLY C 312 -24.40 -27.73 -61.75
N ALA C 313 -25.46 -26.94 -61.69
CA ALA C 313 -25.56 -25.71 -62.46
C ALA C 313 -24.47 -24.74 -61.99
N ASP C 314 -24.31 -23.63 -62.70
CA ASP C 314 -23.32 -22.66 -62.29
C ASP C 314 -23.62 -22.06 -60.92
N GLY C 315 -24.90 -21.79 -60.65
CA GLY C 315 -25.25 -21.18 -59.38
C GLY C 315 -24.86 -19.71 -59.34
N GLU C 316 -25.24 -19.03 -58.26
CA GLU C 316 -24.93 -17.62 -58.11
C GLU C 316 -23.45 -17.32 -58.16
N PRO C 317 -23.10 -16.05 -58.41
CA PRO C 317 -21.68 -15.67 -58.46
C PRO C 317 -21.15 -15.60 -57.03
N ILE C 318 -19.84 -15.48 -56.90
CA ILE C 318 -19.29 -15.31 -55.56
C ILE C 318 -19.39 -13.80 -55.34
N SER C 319 -20.07 -13.41 -54.27
CA SER C 319 -20.18 -12.00 -53.97
C SER C 319 -18.89 -11.52 -53.34
N LEU C 320 -18.47 -10.33 -53.76
CA LEU C 320 -17.24 -9.75 -53.28
C LEU C 320 -17.53 -8.33 -52.82
N TYR C 321 -17.26 -8.08 -51.55
CA TYR C 321 -17.55 -6.79 -50.99
C TYR C 321 -16.40 -6.15 -50.23
N CYS C 322 -16.16 -4.88 -50.54
CA CYS C 322 -15.12 -4.10 -49.90
C CYS C 322 -15.84 -3.19 -48.94
N ALA C 323 -15.63 -3.39 -47.64
CA ALA C 323 -16.27 -2.59 -46.62
C ALA C 323 -15.34 -1.44 -46.30
N PHE C 324 -15.86 -0.37 -45.70
CA PHE C 324 -14.99 0.76 -45.38
C PHE C 324 -14.25 0.62 -44.05
N ASN C 325 -14.65 -0.36 -43.25
CA ASN C 325 -13.97 -0.68 -41.97
C ASN C 325 -14.56 -1.97 -41.40
N GLU C 326 -13.96 -2.49 -40.33
CA GLU C 326 -14.45 -3.75 -39.80
C GLU C 326 -15.91 -3.74 -39.39
N LEU C 327 -16.38 -2.66 -38.77
CA LEU C 327 -17.78 -2.65 -38.38
C LEU C 327 -18.68 -2.70 -39.62
N ASP C 328 -18.32 -1.94 -40.64
CA ASP C 328 -19.15 -1.94 -41.84
C ASP C 328 -19.21 -3.33 -42.44
N GLU C 329 -18.13 -4.08 -42.28
CA GLU C 329 -18.05 -5.43 -42.80
C GLU C 329 -19.07 -6.31 -42.07
N ALA C 330 -19.19 -6.11 -40.78
CA ALA C 330 -20.13 -6.92 -40.03
C ALA C 330 -21.56 -6.58 -40.39
N ARG C 331 -21.90 -5.30 -40.44
CA ARG C 331 -23.25 -4.89 -40.76
C ARG C 331 -23.63 -5.32 -42.18
N PHE C 332 -22.63 -5.41 -43.05
CA PHE C 332 -22.89 -5.84 -44.42
C PHE C 332 -23.29 -7.31 -44.42
N VAL C 333 -22.58 -8.15 -43.66
CA VAL C 333 -22.92 -9.55 -43.61
C VAL C 333 -24.31 -9.68 -42.99
N VAL C 334 -24.53 -9.00 -41.88
CA VAL C 334 -25.82 -9.05 -41.21
C VAL C 334 -26.92 -8.64 -42.17
N ASN C 335 -26.59 -7.74 -43.10
CA ASN C 335 -27.60 -7.31 -44.07
C ASN C 335 -27.95 -8.45 -45.01
N ARG C 336 -26.94 -9.12 -45.54
CA ARG C 336 -27.11 -10.22 -46.46
C ARG C 336 -27.81 -11.43 -45.84
N ILE C 337 -27.44 -11.75 -44.60
CA ILE C 337 -28.05 -12.85 -43.91
C ILE C 337 -29.52 -12.54 -43.68
N LYS C 338 -29.82 -11.26 -43.46
CA LYS C 338 -31.20 -10.85 -43.20
C LYS C 338 -32.07 -11.04 -44.43
N THR C 339 -31.51 -10.78 -45.61
CA THR C 339 -32.28 -10.94 -46.83
C THR C 339 -32.55 -12.42 -47.04
N TRP C 340 -31.60 -13.26 -46.67
CA TRP C 340 -31.76 -14.70 -46.82
C TRP C 340 -32.84 -15.20 -45.88
N GLN C 341 -32.83 -14.71 -44.65
CA GLN C 341 -33.82 -15.10 -43.65
C GLN C 341 -35.21 -14.65 -44.09
N ASP C 342 -35.31 -13.38 -44.51
CA ASP C 342 -36.59 -12.80 -44.95
C ASP C 342 -37.18 -13.52 -46.17
N ASN C 343 -36.40 -14.39 -46.79
CA ASN C 343 -36.86 -15.16 -47.94
C ASN C 343 -37.10 -16.63 -47.61
N GLY C 344 -37.13 -16.96 -46.32
CA GLY C 344 -37.39 -18.33 -45.94
C GLY C 344 -36.17 -19.13 -45.52
N GLY C 345 -34.99 -18.56 -45.67
CA GLY C 345 -33.79 -19.27 -45.29
C GLY C 345 -33.62 -19.29 -43.79
N ALA C 346 -32.81 -20.22 -43.31
CA ALA C 346 -32.56 -20.35 -41.87
C ALA C 346 -31.20 -19.75 -41.50
N LEU C 347 -31.16 -19.03 -40.38
CA LEU C 347 -29.92 -18.45 -39.94
C LEU C 347 -28.87 -19.55 -39.80
N ALA C 348 -29.31 -20.72 -39.34
CA ALA C 348 -28.41 -21.85 -39.16
C ALA C 348 -27.74 -22.35 -40.44
N GLU C 349 -28.25 -21.90 -41.59
CA GLU C 349 -27.69 -22.30 -42.87
C GLU C 349 -26.69 -21.25 -43.33
N CYS C 350 -26.31 -20.37 -42.41
CA CYS C 350 -25.36 -19.30 -42.70
C CYS C 350 -24.20 -19.36 -41.74
N ALA C 351 -22.99 -19.37 -42.29
CA ALA C 351 -21.80 -19.38 -41.47
C ALA C 351 -20.93 -18.16 -41.80
N ILE C 352 -20.39 -17.53 -40.77
CA ILE C 352 -19.49 -16.41 -40.98
C ILE C 352 -18.17 -17.00 -40.56
N LEU C 353 -17.24 -17.15 -41.50
CA LEU C 353 -15.93 -17.71 -41.20
C LEU C 353 -14.86 -16.63 -41.17
N TYR C 354 -13.82 -16.86 -40.40
CA TYR C 354 -12.74 -15.91 -40.27
C TYR C 354 -11.43 -16.63 -39.91
N ARG C 355 -10.30 -15.96 -40.16
CA ARG C 355 -8.97 -16.52 -39.91
C ARG C 355 -8.59 -16.71 -38.47
N SER C 356 -9.00 -15.77 -37.62
CA SER C 356 -8.64 -15.85 -36.20
C SER C 356 -9.81 -15.45 -35.33
N ASN C 357 -9.80 -15.91 -34.09
CA ASN C 357 -10.89 -15.63 -33.18
C ASN C 357 -11.15 -14.16 -32.86
N ALA C 358 -10.10 -13.36 -32.76
CA ALA C 358 -10.23 -11.95 -32.46
C ALA C 358 -11.30 -11.32 -33.34
N GLN C 359 -11.32 -11.73 -34.59
CA GLN C 359 -12.26 -11.21 -35.58
C GLN C 359 -13.73 -11.37 -35.27
N SER C 360 -14.07 -12.23 -34.31
CA SER C 360 -15.48 -12.48 -33.99
C SER C 360 -16.13 -11.43 -33.10
N ARG C 361 -15.33 -10.65 -32.39
CA ARG C 361 -15.88 -9.62 -31.51
C ARG C 361 -16.80 -8.64 -32.23
N VAL C 362 -16.31 -8.06 -33.32
CA VAL C 362 -17.11 -7.09 -34.08
C VAL C 362 -18.32 -7.72 -34.73
N LEU C 363 -18.19 -8.98 -35.16
CA LEU C 363 -19.33 -9.66 -35.79
C LEU C 363 -20.46 -9.78 -34.78
N GLU C 364 -20.10 -10.22 -33.59
CA GLU C 364 -21.03 -10.40 -32.49
C GLU C 364 -21.78 -9.10 -32.19
N GLU C 365 -21.01 -8.03 -31.97
CA GLU C 365 -21.60 -6.74 -31.68
C GLU C 365 -22.65 -6.39 -32.72
N ALA C 366 -22.32 -6.61 -33.98
CA ALA C 366 -23.22 -6.32 -35.08
C ALA C 366 -24.48 -7.17 -35.01
N LEU C 367 -24.30 -8.48 -34.81
CA LEU C 367 -25.44 -9.39 -34.72
C LEU C 367 -26.32 -9.02 -33.52
N LEU C 368 -25.69 -8.75 -32.38
CA LEU C 368 -26.44 -8.36 -31.18
C LEU C 368 -27.26 -7.13 -31.55
N GLN C 369 -26.56 -6.11 -32.04
CA GLN C 369 -27.20 -4.87 -32.43
C GLN C 369 -28.38 -5.09 -33.36
N ALA C 370 -28.36 -6.15 -34.15
CA ALA C 370 -29.47 -6.38 -35.07
C ALA C 370 -30.46 -7.42 -34.52
N SER C 371 -30.25 -7.82 -33.27
CA SER C 371 -31.11 -8.81 -32.62
C SER C 371 -31.14 -10.06 -33.49
N MET C 372 -29.97 -10.47 -33.97
CA MET C 372 -29.90 -11.64 -34.81
C MET C 372 -29.25 -12.80 -34.09
N PRO C 373 -30.03 -13.85 -33.82
CA PRO C 373 -29.54 -15.05 -33.13
C PRO C 373 -28.34 -15.62 -33.86
N TYR C 374 -27.26 -15.82 -33.10
CA TYR C 374 -26.02 -16.33 -33.64
C TYR C 374 -25.37 -17.19 -32.59
N ARG C 375 -24.54 -18.12 -33.00
CA ARG C 375 -23.83 -18.97 -32.06
C ARG C 375 -22.36 -18.97 -32.45
N ILE C 376 -21.49 -18.68 -31.49
CA ILE C 376 -20.06 -18.64 -31.77
C ILE C 376 -19.40 -19.90 -31.29
N TYR C 377 -18.99 -20.75 -32.23
CA TYR C 377 -18.33 -21.98 -31.85
C TYR C 377 -16.90 -21.70 -31.47
N GLY C 378 -16.72 -21.24 -30.24
CA GLY C 378 -15.39 -20.93 -29.76
C GLY C 378 -14.81 -22.12 -29.03
N GLY C 379 -15.66 -23.08 -28.67
CA GLY C 379 -15.19 -24.25 -27.96
C GLY C 379 -15.13 -24.01 -26.46
N MET C 380 -13.97 -24.26 -25.86
CA MET C 380 -13.78 -24.09 -24.42
C MET C 380 -13.25 -22.72 -23.99
N ARG C 381 -13.73 -21.65 -24.63
CA ARG C 381 -13.28 -20.29 -24.30
C ARG C 381 -14.15 -19.59 -23.29
N PHE C 382 -15.08 -20.31 -22.69
CA PHE C 382 -15.95 -19.72 -21.69
C PHE C 382 -15.34 -19.95 -20.33
N PHE C 383 -14.71 -21.12 -20.18
CA PHE C 383 -14.09 -21.49 -18.93
C PHE C 383 -12.67 -21.00 -18.87
N GLU C 384 -12.30 -20.20 -19.88
CA GLU C 384 -10.97 -19.61 -19.95
C GLU C 384 -11.09 -18.18 -19.42
N ARG C 385 -12.33 -17.70 -19.36
CA ARG C 385 -12.61 -16.36 -18.87
C ARG C 385 -12.17 -16.27 -17.42
N GLN C 386 -11.65 -15.12 -17.06
CA GLN C 386 -11.15 -14.87 -15.72
C GLN C 386 -12.08 -15.34 -14.59
N GLU C 387 -13.21 -14.67 -14.42
CA GLU C 387 -14.14 -15.04 -13.37
C GLU C 387 -14.43 -16.52 -13.33
N ILE C 388 -14.44 -17.14 -14.51
CA ILE C 388 -14.73 -18.56 -14.60
C ILE C 388 -13.53 -19.38 -14.17
N LYS C 389 -12.36 -19.03 -14.69
CA LYS C 389 -11.12 -19.71 -14.33
C LYS C 389 -10.93 -19.77 -12.81
N ASP C 390 -11.16 -18.64 -12.15
CA ASP C 390 -11.01 -18.56 -10.70
C ASP C 390 -12.02 -19.46 -10.03
N ALA C 391 -13.30 -19.21 -10.29
CA ALA C 391 -14.37 -20.02 -9.71
C ALA C 391 -14.05 -21.50 -9.80
N LEU C 392 -13.39 -21.90 -10.88
CA LEU C 392 -13.03 -23.30 -11.10
C LEU C 392 -11.71 -23.63 -10.43
N SER C 393 -10.87 -22.63 -10.20
CA SER C 393 -9.59 -22.88 -9.56
C SER C 393 -9.84 -23.33 -8.14
N TYR C 394 -10.95 -22.88 -7.56
CA TYR C 394 -11.30 -23.27 -6.19
C TYR C 394 -11.75 -24.71 -6.17
N LEU C 395 -12.77 -25.03 -6.97
CA LEU C 395 -13.28 -26.37 -7.06
C LEU C 395 -12.15 -27.38 -7.32
N ARG C 396 -11.18 -26.98 -8.16
CA ARG C 396 -10.05 -27.85 -8.47
C ARG C 396 -9.21 -28.18 -7.24
N LEU C 397 -9.01 -27.18 -6.37
CA LEU C 397 -8.22 -27.38 -5.14
C LEU C 397 -8.99 -28.29 -4.18
N ILE C 398 -10.31 -28.16 -4.18
CA ILE C 398 -11.16 -28.97 -3.34
C ILE C 398 -11.09 -30.44 -3.76
N VAL C 399 -10.67 -30.68 -5.00
CA VAL C 399 -10.58 -32.04 -5.53
C VAL C 399 -9.15 -32.54 -5.61
N ASN C 400 -8.20 -31.72 -5.18
CA ASN C 400 -6.78 -32.06 -5.18
C ASN C 400 -5.93 -30.86 -4.78
N ARG C 401 -5.55 -30.80 -3.51
CA ARG C 401 -4.75 -29.70 -2.99
C ARG C 401 -3.46 -29.51 -3.80
N ASN C 402 -3.02 -30.58 -4.45
CA ASN C 402 -1.79 -30.55 -5.24
C ASN C 402 -1.92 -29.81 -6.57
N ASP C 403 -3.11 -29.31 -6.87
CA ASP C 403 -3.34 -28.58 -8.12
C ASP C 403 -2.57 -27.26 -8.08
N ASP C 404 -1.30 -27.28 -8.52
CA ASP C 404 -0.48 -26.08 -8.51
C ASP C 404 -1.18 -24.94 -9.24
N ALA C 405 -1.43 -25.14 -10.53
CA ALA C 405 -2.10 -24.15 -11.37
C ALA C 405 -3.21 -23.44 -10.61
N ALA C 406 -4.08 -24.23 -9.99
CA ALA C 406 -5.20 -23.69 -9.23
C ALA C 406 -4.75 -22.92 -8.00
N PHE C 407 -3.99 -23.59 -7.13
CA PHE C 407 -3.51 -22.95 -5.91
C PHE C 407 -3.01 -21.54 -6.17
N GLU C 408 -2.15 -21.39 -7.18
CA GLU C 408 -1.63 -20.09 -7.54
C GLU C 408 -2.80 -19.12 -7.68
N ARG C 409 -3.52 -19.26 -8.78
CA ARG C 409 -4.66 -18.40 -9.11
C ARG C 409 -5.48 -17.87 -7.94
N VAL C 410 -6.16 -18.76 -7.22
CA VAL C 410 -7.02 -18.36 -6.10
C VAL C 410 -6.38 -18.14 -4.72
N VAL C 411 -5.08 -18.40 -4.59
CA VAL C 411 -4.43 -18.23 -3.30
C VAL C 411 -4.64 -16.85 -2.70
N ASN C 412 -4.46 -15.80 -3.51
CA ASN C 412 -4.62 -14.43 -3.04
C ASN C 412 -5.73 -13.72 -3.81
N THR C 413 -6.72 -14.49 -4.27
CA THR C 413 -7.83 -13.91 -5.00
C THR C 413 -9.15 -14.50 -4.53
N PRO C 414 -9.99 -13.71 -3.85
CA PRO C 414 -9.77 -12.29 -3.51
C PRO C 414 -8.55 -12.12 -2.61
N THR C 415 -7.93 -10.94 -2.65
CA THR C 415 -6.75 -10.68 -1.82
C THR C 415 -6.87 -11.31 -0.43
N ARG C 416 -6.01 -12.29 -0.17
CA ARG C 416 -6.00 -13.01 1.10
C ARG C 416 -4.82 -12.57 1.98
N GLY C 417 -4.21 -11.45 1.63
CA GLY C 417 -3.07 -10.98 2.40
C GLY C 417 -1.81 -11.69 1.98
N ILE C 418 -1.95 -12.91 1.46
CA ILE C 418 -0.81 -13.70 1.01
C ILE C 418 -0.20 -13.00 -0.18
N GLY C 419 0.62 -11.99 0.08
CA GLY C 419 1.25 -11.22 -0.98
C GLY C 419 2.37 -11.91 -1.74
N ASP C 420 3.13 -11.11 -2.48
CA ASP C 420 4.24 -11.59 -3.28
C ASP C 420 5.30 -12.40 -2.54
N ARG C 421 6.20 -11.73 -1.82
CA ARG C 421 7.28 -12.40 -1.08
C ARG C 421 6.86 -13.66 -0.31
N THR C 422 5.71 -13.60 0.34
CA THR C 422 5.23 -14.75 1.08
C THR C 422 5.23 -15.98 0.18
N LEU C 423 4.83 -15.78 -1.08
CA LEU C 423 4.78 -16.85 -2.06
C LEU C 423 6.17 -17.16 -2.60
N ASP C 424 6.97 -16.12 -2.84
CA ASP C 424 8.32 -16.29 -3.35
C ASP C 424 9.04 -17.38 -2.57
N VAL C 425 8.77 -17.42 -1.26
CA VAL C 425 9.39 -18.40 -0.38
C VAL C 425 8.80 -19.79 -0.62
N VAL C 426 7.48 -19.89 -0.52
CA VAL C 426 6.81 -21.16 -0.72
C VAL C 426 7.16 -21.72 -2.11
N ARG C 427 7.46 -20.81 -3.03
CA ARG C 427 7.83 -21.19 -4.39
C ARG C 427 9.15 -21.93 -4.28
N GLN C 428 10.04 -21.42 -3.44
CA GLN C 428 11.34 -22.03 -3.21
C GLN C 428 11.17 -23.29 -2.38
N THR C 429 10.32 -23.21 -1.37
CA THR C 429 10.06 -24.35 -0.50
C THR C 429 9.61 -25.53 -1.37
N SER C 430 9.23 -25.25 -2.62
CA SER C 430 8.78 -26.28 -3.54
C SER C 430 9.83 -26.67 -4.57
N ARG C 431 10.53 -25.68 -5.13
CA ARG C 431 11.58 -25.94 -6.11
C ARG C 431 12.73 -26.72 -5.46
N ASP C 432 12.95 -26.48 -4.17
CA ASP C 432 14.02 -27.15 -3.43
C ASP C 432 13.56 -28.45 -2.77
N ARG C 433 12.49 -28.38 -1.99
CA ARG C 433 11.97 -29.57 -1.31
C ARG C 433 11.50 -30.65 -2.29
N GLN C 434 11.03 -30.22 -3.46
CA GLN C 434 10.52 -31.12 -4.51
C GLN C 434 9.10 -31.58 -4.15
N LEU C 435 8.31 -30.63 -3.66
CA LEU C 435 6.91 -30.88 -3.27
C LEU C 435 5.97 -30.08 -4.16
N THR C 436 4.76 -29.87 -3.66
CA THR C 436 3.75 -29.09 -4.36
C THR C 436 3.60 -27.80 -3.56
N LEU C 437 2.79 -26.86 -4.05
CA LEU C 437 2.61 -25.60 -3.35
C LEU C 437 1.81 -25.74 -2.06
N TRP C 438 0.91 -26.70 -2.00
CA TRP C 438 0.12 -26.90 -0.79
C TRP C 438 0.91 -27.70 0.23
N GLN C 439 1.71 -28.65 -0.26
CA GLN C 439 2.53 -29.48 0.61
C GLN C 439 3.67 -28.67 1.22
N ALA C 440 4.24 -27.78 0.40
CA ALA C 440 5.34 -26.92 0.87
C ALA C 440 4.80 -25.87 1.84
N CYS C 441 3.48 -25.77 1.92
CA CYS C 441 2.83 -24.82 2.81
C CYS C 441 2.43 -25.45 4.13
N ARG C 442 1.88 -26.66 4.07
CA ARG C 442 1.46 -27.34 5.30
C ARG C 442 2.70 -27.60 6.14
N GLU C 443 3.86 -27.63 5.49
CA GLU C 443 5.15 -27.86 6.15
C GLU C 443 5.63 -26.61 6.89
N LEU C 444 5.78 -25.52 6.15
CA LEU C 444 6.25 -24.25 6.72
C LEU C 444 5.35 -23.71 7.84
N LEU C 445 4.26 -24.41 8.13
CA LEU C 445 3.35 -24.01 9.20
C LEU C 445 3.72 -24.73 10.49
N GLN C 446 3.67 -26.06 10.43
CA GLN C 446 4.03 -26.90 11.57
C GLN C 446 5.56 -26.93 11.58
N GLU C 447 6.15 -25.77 11.32
CA GLU C 447 7.60 -25.61 11.26
C GLU C 447 7.90 -24.14 11.49
N LYS C 448 6.83 -23.38 11.73
CA LYS C 448 6.90 -21.94 11.97
C LYS C 448 8.17 -21.28 11.43
N ALA C 449 8.21 -21.10 10.12
CA ALA C 449 9.35 -20.49 9.46
C ALA C 449 8.91 -19.21 8.76
N LEU C 450 7.66 -18.81 8.99
CA LEU C 450 7.09 -17.61 8.38
C LEU C 450 6.66 -16.57 9.42
N ALA C 451 6.73 -15.30 9.03
CA ALA C 451 6.37 -14.17 9.90
C ALA C 451 5.00 -14.28 10.57
N GLY C 452 4.60 -13.19 11.23
CA GLY C 452 3.33 -13.15 11.92
C GLY C 452 2.13 -12.90 11.04
N ARG C 453 2.09 -11.72 10.41
CA ARG C 453 0.98 -11.37 9.51
C ARG C 453 0.90 -12.38 8.39
N ALA C 454 2.07 -12.86 7.97
CA ALA C 454 2.15 -13.84 6.89
C ALA C 454 1.36 -15.10 7.20
N ALA C 455 1.95 -15.96 8.01
CA ALA C 455 1.32 -17.22 8.40
C ALA C 455 -0.10 -17.07 8.94
N SER C 456 -0.46 -15.85 9.36
CA SER C 456 -1.79 -15.59 9.91
C SER C 456 -2.89 -15.83 8.88
N ALA C 457 -2.69 -15.32 7.67
CA ALA C 457 -3.66 -15.46 6.60
C ALA C 457 -3.41 -16.75 5.82
N LEU C 458 -2.17 -16.97 5.42
CA LEU C 458 -1.80 -18.17 4.67
C LEU C 458 -2.40 -19.41 5.32
N GLN C 459 -2.78 -19.29 6.58
CA GLN C 459 -3.40 -20.39 7.32
C GLN C 459 -4.91 -20.27 7.09
N ARG C 460 -5.43 -19.05 7.19
CA ARG C 460 -6.85 -18.81 6.99
C ARG C 460 -7.25 -19.41 5.65
N PHE C 461 -6.36 -19.26 4.67
CA PHE C 461 -6.56 -19.77 3.32
C PHE C 461 -6.62 -21.29 3.39
N MET C 462 -5.51 -21.90 3.80
CA MET C 462 -5.41 -23.35 3.94
C MET C 462 -6.69 -23.91 4.57
N GLU C 463 -7.15 -23.25 5.63
CA GLU C 463 -8.35 -23.68 6.35
C GLU C 463 -9.64 -23.53 5.54
N LEU C 464 -9.79 -22.39 4.86
CA LEU C 464 -10.98 -22.13 4.07
C LEU C 464 -11.29 -23.19 3.00
N ILE C 465 -10.34 -23.45 2.12
CA ILE C 465 -10.56 -24.46 1.07
C ILE C 465 -11.00 -25.77 1.71
N ASP C 466 -10.31 -26.19 2.77
CA ASP C 466 -10.66 -27.42 3.47
C ASP C 466 -12.08 -27.36 3.98
N ALA C 467 -12.51 -26.16 4.34
CA ALA C 467 -13.87 -25.95 4.85
C ALA C 467 -14.88 -26.20 3.75
N LEU C 468 -14.63 -25.61 2.58
CA LEU C 468 -15.51 -25.77 1.43
C LEU C 468 -15.60 -27.24 1.05
N ALA C 469 -14.43 -27.90 1.03
CA ALA C 469 -14.36 -29.31 0.68
C ALA C 469 -15.29 -30.12 1.56
N GLN C 470 -15.11 -30.02 2.88
CA GLN C 470 -15.92 -30.77 3.83
C GLN C 470 -17.35 -30.24 4.00
N GLU C 471 -17.59 -29.01 3.58
CA GLU C 471 -18.92 -28.41 3.71
C GLU C 471 -19.86 -28.72 2.55
N THR C 472 -19.32 -28.75 1.34
CA THR C 472 -20.14 -29.02 0.15
C THR C 472 -19.88 -30.42 -0.41
N ALA C 473 -19.16 -31.25 0.34
CA ALA C 473 -18.80 -32.60 -0.08
C ALA C 473 -19.98 -33.47 -0.51
N ASP C 474 -21.18 -33.19 -0.01
CA ASP C 474 -22.36 -33.99 -0.33
C ASP C 474 -23.09 -33.49 -1.59
N MET C 475 -23.82 -32.40 -1.41
CA MET C 475 -24.61 -31.75 -2.46
C MET C 475 -24.13 -31.90 -3.91
N PRO C 476 -25.05 -31.75 -4.88
CA PRO C 476 -24.73 -31.86 -6.31
C PRO C 476 -23.76 -30.77 -6.77
N LEU C 477 -23.35 -30.85 -8.03
CA LEU C 477 -22.40 -29.89 -8.58
C LEU C 477 -22.91 -28.46 -8.80
N HIS C 478 -24.11 -28.31 -9.33
CA HIS C 478 -24.65 -26.97 -9.61
C HIS C 478 -24.86 -26.06 -8.40
N VAL C 479 -25.22 -26.64 -7.26
CA VAL C 479 -25.42 -25.86 -6.03
C VAL C 479 -24.08 -25.81 -5.29
N GLN C 480 -23.24 -26.80 -5.58
CA GLN C 480 -21.91 -26.92 -4.99
C GLN C 480 -21.12 -25.72 -5.47
N THR C 481 -21.33 -25.36 -6.74
CA THR C 481 -20.65 -24.23 -7.35
C THR C 481 -21.21 -22.92 -6.83
N ASP C 482 -22.49 -22.90 -6.51
CA ASP C 482 -23.11 -21.68 -6.00
C ASP C 482 -22.49 -21.30 -4.67
N ARG C 483 -22.20 -22.31 -3.84
CA ARG C 483 -21.61 -22.05 -2.54
C ARG C 483 -20.15 -21.61 -2.66
N VAL C 484 -19.35 -22.39 -3.39
CA VAL C 484 -17.93 -22.06 -3.56
C VAL C 484 -17.77 -20.62 -4.05
N ILE C 485 -18.58 -20.22 -5.02
CA ILE C 485 -18.50 -18.86 -5.55
C ILE C 485 -18.72 -17.79 -4.48
N LYS C 486 -19.87 -17.82 -3.82
CA LYS C 486 -20.17 -16.84 -2.81
C LYS C 486 -19.26 -16.93 -1.59
N ASP C 487 -19.07 -18.15 -1.08
CA ASP C 487 -18.23 -18.36 0.10
C ASP C 487 -16.72 -18.27 -0.09
N SER C 488 -16.28 -17.82 -1.26
CA SER C 488 -14.85 -17.69 -1.49
C SER C 488 -14.51 -16.22 -1.63
N GLY C 489 -15.56 -15.41 -1.60
CA GLY C 489 -15.39 -13.97 -1.72
C GLY C 489 -15.61 -13.51 -3.15
N LEU C 490 -15.33 -14.39 -4.10
CA LEU C 490 -15.47 -14.08 -5.51
C LEU C 490 -16.83 -13.45 -5.83
N ARG C 491 -17.91 -14.03 -5.30
CA ARG C 491 -19.24 -13.49 -5.55
C ARG C 491 -19.25 -12.01 -5.18
N THR C 492 -18.70 -11.71 -4.01
CA THR C 492 -18.65 -10.35 -3.51
C THR C 492 -17.56 -9.53 -4.18
N MET C 493 -16.51 -10.19 -4.67
CA MET C 493 -15.41 -9.51 -5.32
C MET C 493 -15.82 -8.89 -6.65
N TYR C 494 -16.14 -9.74 -7.62
CA TYR C 494 -16.56 -9.28 -8.93
C TYR C 494 -17.84 -8.46 -8.81
N GLU C 495 -18.42 -8.48 -7.61
CA GLU C 495 -19.65 -7.73 -7.35
C GLU C 495 -19.32 -6.25 -7.33
N GLN C 496 -18.21 -5.90 -6.68
CA GLN C 496 -17.75 -4.52 -6.59
C GLN C 496 -16.86 -4.27 -7.82
N GLU C 497 -15.56 -4.18 -7.57
CA GLU C 497 -14.54 -3.98 -8.60
C GLU C 497 -14.75 -2.90 -9.67
N LYS C 498 -15.76 -3.05 -10.53
CA LYS C 498 -15.96 -2.10 -11.61
C LYS C 498 -17.19 -1.19 -11.66
N GLY C 499 -18.34 -1.75 -12.00
CA GLY C 499 -19.53 -0.93 -12.13
C GLY C 499 -19.34 -0.36 -13.53
N GLU C 500 -18.76 -1.21 -14.38
CA GLU C 500 -18.47 -0.88 -15.77
C GLU C 500 -18.55 -2.16 -16.62
N LYS C 501 -17.44 -2.89 -16.71
CA LYS C 501 -17.40 -4.14 -17.47
C LYS C 501 -17.54 -5.30 -16.49
N GLY C 502 -17.51 -4.96 -15.20
CA GLY C 502 -17.64 -5.97 -14.16
C GLY C 502 -19.08 -6.38 -14.02
N GLN C 503 -19.93 -5.84 -14.89
CA GLN C 503 -21.35 -6.15 -14.88
C GLN C 503 -21.60 -7.55 -15.44
N THR C 504 -21.18 -7.78 -16.68
CA THR C 504 -21.37 -9.08 -17.32
C THR C 504 -20.46 -10.13 -16.70
N ARG C 505 -19.47 -9.67 -15.93
CA ARG C 505 -18.52 -10.55 -15.28
C ARG C 505 -19.19 -11.41 -14.22
N ILE C 506 -20.16 -10.83 -13.52
CA ILE C 506 -20.90 -11.54 -12.48
C ILE C 506 -21.99 -12.41 -13.09
N GLU C 507 -22.49 -12.01 -14.26
CA GLU C 507 -23.54 -12.76 -14.95
C GLU C 507 -22.98 -14.03 -15.57
N ASN C 508 -21.68 -14.04 -15.84
CA ASN C 508 -21.04 -15.23 -16.39
C ASN C 508 -20.95 -16.26 -15.29
N LEU C 509 -20.75 -15.80 -14.06
CA LEU C 509 -20.66 -16.70 -12.92
C LEU C 509 -22.01 -17.33 -12.66
N GLU C 510 -23.06 -16.64 -13.11
CA GLU C 510 -24.41 -17.15 -12.95
C GLU C 510 -24.68 -18.17 -14.05
N GLU C 511 -24.18 -17.88 -15.25
CA GLU C 511 -24.34 -18.77 -16.40
C GLU C 511 -23.55 -20.07 -16.18
N LEU C 512 -22.50 -19.97 -15.37
CA LEU C 512 -21.66 -21.13 -15.06
C LEU C 512 -22.46 -22.03 -14.12
N VAL C 513 -23.30 -21.41 -13.31
CA VAL C 513 -24.15 -22.13 -12.37
C VAL C 513 -25.22 -22.87 -13.18
N THR C 514 -25.83 -22.16 -14.12
CA THR C 514 -26.85 -22.75 -14.97
C THR C 514 -26.25 -23.93 -15.72
N ALA C 515 -25.11 -23.72 -16.38
CA ALA C 515 -24.44 -24.76 -17.14
C ALA C 515 -24.33 -26.05 -16.36
N THR C 516 -24.04 -25.93 -15.07
CA THR C 516 -23.91 -27.10 -14.21
C THR C 516 -25.26 -27.69 -13.83
N ARG C 517 -26.27 -26.83 -13.68
CA ARG C 517 -27.62 -27.30 -13.32
C ARG C 517 -28.14 -28.18 -14.45
N GLN C 518 -27.92 -27.73 -15.68
CA GLN C 518 -28.35 -28.45 -16.87
C GLN C 518 -27.37 -29.54 -17.26
N PHE C 519 -26.78 -30.20 -16.28
CA PHE C 519 -25.83 -31.27 -16.53
C PHE C 519 -26.27 -32.57 -15.85
N MET C 529 -16.24 -38.33 -11.22
CA MET C 529 -15.51 -37.07 -11.01
C MET C 529 -16.21 -35.91 -11.72
N PRO C 530 -17.40 -35.52 -11.24
CA PRO C 530 -18.24 -34.44 -11.77
C PRO C 530 -17.54 -33.21 -12.36
N LEU C 531 -16.61 -32.62 -11.62
CA LEU C 531 -15.90 -31.42 -12.09
C LEU C 531 -15.13 -31.61 -13.39
N GLN C 532 -14.36 -32.68 -13.46
CA GLN C 532 -13.57 -32.99 -14.64
C GLN C 532 -14.44 -33.52 -15.78
N ALA C 533 -15.51 -34.21 -15.41
CA ALA C 533 -16.44 -34.77 -16.39
C ALA C 533 -17.35 -33.67 -16.92
N PHE C 534 -17.52 -32.63 -16.10
CA PHE C 534 -18.34 -31.48 -16.45
C PHE C 534 -17.71 -30.79 -17.66
N LEU C 535 -16.40 -30.59 -17.57
CA LEU C 535 -15.63 -29.94 -18.62
C LEU C 535 -15.65 -30.68 -19.96
N SER C 536 -15.81 -32.00 -19.91
CA SER C 536 -15.84 -32.81 -21.12
C SER C 536 -17.19 -32.67 -21.83
N HIS C 537 -18.26 -32.61 -21.06
CA HIS C 537 -19.60 -32.46 -21.62
C HIS C 537 -19.60 -31.20 -22.48
N ALA C 538 -18.93 -30.17 -21.98
CA ALA C 538 -18.83 -28.88 -22.66
C ALA C 538 -18.02 -28.95 -23.95
N ALA C 539 -16.98 -29.77 -23.97
CA ALA C 539 -16.14 -29.91 -25.15
C ALA C 539 -16.96 -30.50 -26.30
N LEU C 540 -17.89 -31.40 -25.97
CA LEU C 540 -18.75 -32.01 -26.98
C LEU C 540 -19.75 -30.96 -27.42
N GLU C 541 -20.58 -30.54 -26.47
CA GLU C 541 -21.62 -29.54 -26.71
C GLU C 541 -21.11 -28.31 -27.44
N ALA C 542 -19.81 -28.06 -27.35
CA ALA C 542 -19.23 -26.91 -28.03
C ALA C 542 -19.29 -27.12 -29.54
N GLY C 543 -19.81 -28.28 -29.94
CA GLY C 543 -19.95 -28.61 -31.35
C GLY C 543 -21.39 -29.01 -31.64
N GLU C 544 -22.19 -28.05 -32.07
CA GLU C 544 -23.61 -28.30 -32.38
C GLU C 544 -24.26 -29.19 -31.33
N THR C 549 -28.66 -27.64 -30.54
CA THR C 549 -29.63 -26.73 -29.92
C THR C 549 -30.42 -25.99 -31.01
N TRP C 550 -31.13 -26.74 -31.85
CA TRP C 550 -31.89 -26.15 -32.95
C TRP C 550 -32.89 -25.05 -32.66
N GLN C 551 -32.33 -23.88 -32.36
CA GLN C 551 -33.04 -22.64 -32.13
C GLN C 551 -32.25 -21.89 -33.20
N ASP C 552 -32.88 -21.64 -34.34
CA ASP C 552 -32.24 -20.98 -35.47
C ASP C 552 -31.25 -19.86 -35.17
N ALA C 553 -29.98 -20.11 -35.47
CA ALA C 553 -28.94 -19.15 -35.22
C ALA C 553 -27.78 -19.23 -36.20
N VAL C 554 -27.26 -18.05 -36.55
CA VAL C 554 -26.14 -17.90 -37.47
C VAL C 554 -24.90 -18.51 -36.83
N GLN C 555 -24.09 -19.19 -37.64
CA GLN C 555 -22.91 -19.86 -37.13
C GLN C 555 -21.60 -19.08 -37.34
N LEU C 556 -20.85 -18.91 -36.26
CA LEU C 556 -19.57 -18.22 -36.33
C LEU C 556 -18.45 -19.13 -35.88
N MET C 557 -17.36 -19.17 -36.64
CA MET C 557 -16.22 -20.00 -36.29
C MET C 557 -15.05 -19.74 -37.25
N THR C 558 -13.88 -20.23 -36.89
CA THR C 558 -12.68 -20.06 -37.71
C THR C 558 -12.76 -20.96 -38.94
N LEU C 559 -11.88 -20.71 -39.90
CA LEU C 559 -11.83 -21.51 -41.11
C LEU C 559 -11.34 -22.91 -40.75
N HIS C 560 -10.56 -23.01 -39.69
CA HIS C 560 -10.07 -24.30 -39.26
C HIS C 560 -11.27 -25.10 -38.74
N SER C 561 -11.87 -24.60 -37.67
CA SER C 561 -13.01 -25.26 -37.06
C SER C 561 -14.07 -25.64 -38.05
N ALA C 562 -14.11 -24.98 -39.20
CA ALA C 562 -15.15 -25.27 -40.18
C ALA C 562 -14.89 -26.50 -41.04
N LYS C 563 -13.62 -26.83 -41.29
CA LYS C 563 -13.29 -27.98 -42.13
C LYS C 563 -14.09 -29.20 -41.71
N GLY C 564 -14.79 -29.79 -42.68
CA GLY C 564 -15.61 -30.94 -42.44
C GLY C 564 -17.07 -30.57 -42.59
N LEU C 565 -17.40 -29.30 -42.29
CA LEU C 565 -18.77 -28.81 -42.35
C LEU C 565 -19.21 -28.23 -43.68
N GLU C 566 -20.50 -27.92 -43.77
CA GLU C 566 -21.05 -27.31 -44.98
C GLU C 566 -22.24 -26.42 -44.67
N PHE C 567 -22.44 -25.38 -45.47
CA PHE C 567 -23.57 -24.47 -45.25
C PHE C 567 -24.05 -23.88 -46.55
N PRO C 568 -25.36 -23.67 -46.68
CA PRO C 568 -25.91 -23.09 -47.91
C PRO C 568 -25.33 -21.71 -48.23
N GLN C 569 -25.10 -20.91 -47.20
CA GLN C 569 -24.55 -19.56 -47.36
C GLN C 569 -23.28 -19.42 -46.51
N VAL C 570 -22.19 -19.00 -47.12
CA VAL C 570 -20.95 -18.84 -46.38
C VAL C 570 -20.39 -17.42 -46.56
N PHE C 571 -19.87 -16.84 -45.47
CA PHE C 571 -19.27 -15.52 -45.52
C PHE C 571 -17.87 -15.53 -44.93
N ILE C 572 -16.87 -15.25 -45.77
CA ILE C 572 -15.53 -15.20 -45.22
C ILE C 572 -15.16 -13.72 -45.10
N VAL C 573 -14.89 -13.30 -43.88
CA VAL C 573 -14.53 -11.92 -43.59
C VAL C 573 -13.04 -11.77 -43.38
N GLY C 574 -12.53 -10.56 -43.58
CA GLY C 574 -11.12 -10.31 -43.39
C GLY C 574 -10.21 -10.80 -44.51
N MET C 575 -10.73 -10.93 -45.73
CA MET C 575 -9.89 -11.36 -46.84
C MET C 575 -8.91 -10.24 -47.16
N GLU C 576 -8.01 -9.97 -46.22
CA GLU C 576 -7.03 -8.90 -46.34
C GLU C 576 -5.60 -9.42 -46.19
N GLU C 577 -4.67 -8.84 -46.95
CA GLU C 577 -3.27 -9.21 -46.83
C GLU C 577 -2.81 -8.76 -45.45
N GLY C 578 -2.36 -9.69 -44.62
CA GLY C 578 -1.91 -9.33 -43.29
C GLY C 578 -2.85 -9.94 -42.29
N MET C 579 -3.96 -10.48 -42.79
CA MET C 579 -4.98 -11.14 -41.97
C MET C 579 -5.14 -12.56 -42.47
N PHE C 580 -5.18 -12.67 -43.79
CA PHE C 580 -5.36 -13.94 -44.47
C PHE C 580 -4.93 -13.74 -45.94
N PRO C 581 -3.68 -14.08 -46.28
CA PRO C 581 -2.62 -14.63 -45.42
C PRO C 581 -2.26 -13.78 -44.22
N SER C 582 -2.26 -14.41 -43.06
CA SER C 582 -1.90 -13.72 -41.83
C SER C 582 -0.50 -13.16 -42.07
N GLN C 583 -0.14 -12.13 -41.33
CA GLN C 583 1.18 -11.52 -41.50
C GLN C 583 2.30 -12.54 -41.35
N MET C 584 2.32 -13.19 -40.20
CA MET C 584 3.33 -14.20 -39.85
C MET C 584 3.61 -15.18 -40.97
N SER C 585 2.55 -15.80 -41.49
CA SER C 585 2.67 -16.78 -42.56
C SER C 585 3.58 -16.30 -43.67
N LEU C 586 3.56 -15.00 -43.93
CA LEU C 586 4.38 -14.42 -44.99
C LEU C 586 5.87 -14.56 -44.72
N ASP C 587 6.25 -14.60 -43.44
CA ASP C 587 7.66 -14.73 -43.06
C ASP C 587 8.24 -16.10 -43.33
N GLU C 588 7.59 -17.14 -42.81
CA GLU C 588 8.03 -18.53 -42.94
C GLU C 588 8.06 -19.16 -44.35
N GLY C 589 7.59 -18.43 -45.36
CA GLY C 589 7.60 -18.94 -46.73
C GLY C 589 6.70 -20.12 -47.02
N GLY C 590 6.99 -21.27 -46.39
CA GLY C 590 6.19 -22.47 -46.60
C GLY C 590 4.80 -22.41 -45.96
N ARG C 591 4.61 -21.46 -45.06
CA ARG C 591 3.31 -21.30 -44.40
C ARG C 591 2.30 -20.78 -45.42
N LEU C 592 2.80 -20.04 -46.40
CA LEU C 592 1.94 -19.46 -47.40
C LEU C 592 1.09 -20.45 -48.18
N GLU C 593 1.67 -21.56 -48.61
CA GLU C 593 0.85 -22.53 -49.35
C GLU C 593 -0.16 -23.16 -48.41
N GLU C 594 0.12 -23.12 -47.10
CA GLU C 594 -0.83 -23.67 -46.13
C GLU C 594 -2.04 -22.75 -46.02
N GLU C 595 -1.81 -21.44 -46.04
CA GLU C 595 -2.89 -20.48 -45.98
C GLU C 595 -3.75 -20.65 -47.21
N ARG C 596 -3.14 -20.86 -48.37
CA ARG C 596 -3.94 -21.05 -49.56
C ARG C 596 -4.79 -22.31 -49.41
N ARG C 597 -4.30 -23.30 -48.66
CA ARG C 597 -5.10 -24.51 -48.46
C ARG C 597 -6.26 -24.16 -47.53
N LEU C 598 -5.97 -23.36 -46.51
CA LEU C 598 -7.03 -22.95 -45.59
C LEU C 598 -8.05 -22.14 -46.38
N ALA C 599 -7.59 -21.41 -47.39
CA ALA C 599 -8.51 -20.63 -48.22
C ALA C 599 -9.34 -21.60 -49.04
N TYR C 600 -8.72 -22.68 -49.51
CA TYR C 600 -9.42 -23.70 -50.28
C TYR C 600 -10.55 -24.31 -49.43
N VAL C 601 -10.23 -24.63 -48.18
CA VAL C 601 -11.20 -25.17 -47.24
C VAL C 601 -12.36 -24.19 -47.17
N GLY C 602 -12.04 -22.94 -46.83
CA GLY C 602 -13.08 -21.93 -46.73
C GLY C 602 -14.03 -21.90 -47.92
N VAL C 603 -13.49 -21.76 -49.11
CA VAL C 603 -14.32 -21.70 -50.30
C VAL C 603 -15.21 -22.93 -50.41
N THR C 604 -14.62 -24.11 -50.21
CA THR C 604 -15.35 -25.34 -50.35
C THR C 604 -16.38 -25.69 -49.26
N ARG C 605 -16.72 -24.75 -48.38
CA ARG C 605 -17.75 -25.05 -47.38
C ARG C 605 -19.08 -24.56 -47.94
N ALA C 606 -19.02 -23.65 -48.91
CA ALA C 606 -20.23 -23.08 -49.50
C ALA C 606 -20.97 -24.04 -50.40
N MET C 607 -22.27 -24.14 -50.19
CA MET C 607 -23.08 -25.03 -50.99
C MET C 607 -23.78 -24.26 -52.10
N GLN C 608 -24.47 -23.19 -51.73
CA GLN C 608 -25.22 -22.38 -52.67
C GLN C 608 -24.56 -21.08 -53.07
N LYS C 609 -24.18 -20.32 -52.06
CA LYS C 609 -23.63 -18.98 -52.23
C LYS C 609 -22.42 -18.72 -51.34
N LEU C 610 -21.41 -18.05 -51.89
CA LEU C 610 -20.22 -17.71 -51.13
C LEU C 610 -20.02 -16.20 -51.27
N THR C 611 -19.61 -15.55 -50.19
CA THR C 611 -19.40 -14.11 -50.19
C THR C 611 -18.10 -13.81 -49.47
N LEU C 612 -17.22 -13.06 -50.12
CA LEU C 612 -15.96 -12.70 -49.53
C LEU C 612 -15.98 -11.20 -49.25
N THR C 613 -15.46 -10.78 -48.11
CA THR C 613 -15.45 -9.38 -47.77
C THR C 613 -14.11 -9.03 -47.14
N TYR C 614 -13.68 -7.78 -47.35
CA TYR C 614 -12.43 -7.31 -46.79
C TYR C 614 -12.63 -5.83 -46.48
N ALA C 615 -11.89 -5.32 -45.51
CA ALA C 615 -12.05 -3.93 -45.12
C ALA C 615 -10.96 -3.01 -45.62
N GLU C 616 -11.35 -1.77 -45.93
CA GLU C 616 -10.39 -0.77 -46.41
C GLU C 616 -9.44 -0.44 -45.29
N THR C 617 -9.97 -0.41 -44.07
CA THR C 617 -9.19 -0.12 -42.89
C THR C 617 -9.79 -0.87 -41.70
N ARG C 618 -8.98 -1.10 -40.68
CA ARG C 618 -9.43 -1.74 -39.46
C ARG C 618 -8.36 -1.39 -38.47
N ARG C 619 -8.69 -1.35 -37.18
CA ARG C 619 -7.67 -1.02 -36.20
C ARG C 619 -7.26 -2.29 -35.49
N LEU C 620 -6.03 -2.71 -35.73
CA LEU C 620 -5.47 -3.90 -35.10
C LEU C 620 -4.43 -3.38 -34.10
N TYR C 621 -4.58 -3.79 -32.83
CA TYR C 621 -3.66 -3.35 -31.79
C TYR C 621 -3.60 -1.83 -31.82
N GLY C 622 -4.74 -1.22 -31.49
CA GLY C 622 -4.87 0.22 -31.45
C GLY C 622 -4.11 0.99 -32.52
N LYS C 623 -4.53 0.84 -33.77
CA LYS C 623 -3.88 1.53 -34.87
C LYS C 623 -4.68 1.33 -36.14
N GLU C 624 -5.03 2.44 -36.78
CA GLU C 624 -5.80 2.38 -38.01
C GLU C 624 -4.91 1.94 -39.16
N VAL C 625 -4.90 0.64 -39.44
CA VAL C 625 -4.08 0.08 -40.51
C VAL C 625 -4.85 0.04 -41.83
N TYR C 626 -4.12 -0.07 -42.93
CA TYR C 626 -4.76 -0.11 -44.24
C TYR C 626 -4.16 -1.25 -45.03
N HIS C 627 -4.92 -2.32 -45.18
CA HIS C 627 -4.48 -3.50 -45.89
C HIS C 627 -4.93 -3.54 -47.32
N ARG C 628 -4.21 -4.33 -48.11
CA ARG C 628 -4.54 -4.52 -49.50
C ARG C 628 -5.38 -5.76 -49.46
N PRO C 629 -6.29 -5.91 -50.42
CA PRO C 629 -7.14 -7.10 -50.43
C PRO C 629 -6.26 -8.34 -50.52
N SER C 630 -6.77 -9.49 -50.08
CA SER C 630 -6.03 -10.75 -50.10
C SER C 630 -5.79 -11.25 -51.50
N ARG C 631 -4.55 -11.68 -51.76
CA ARG C 631 -4.18 -12.20 -53.07
C ARG C 631 -5.10 -13.34 -53.46
N PHE C 632 -5.65 -14.02 -52.46
CA PHE C 632 -6.55 -15.13 -52.68
C PHE C 632 -7.76 -14.71 -53.52
N ILE C 633 -8.19 -13.48 -53.37
CA ILE C 633 -9.34 -12.99 -54.12
C ILE C 633 -9.03 -12.96 -55.62
N GLY C 634 -7.91 -12.33 -55.96
CA GLY C 634 -7.53 -12.25 -57.36
C GLY C 634 -7.25 -13.59 -57.99
N GLU C 635 -6.86 -14.55 -57.16
CA GLU C 635 -6.55 -15.89 -57.66
C GLU C 635 -7.77 -16.61 -58.19
N LEU C 636 -8.95 -16.16 -57.78
CA LEU C 636 -10.20 -16.78 -58.23
C LEU C 636 -10.56 -16.36 -59.67
N PRO C 637 -11.36 -17.17 -60.37
CA PRO C 637 -11.76 -16.85 -61.76
C PRO C 637 -12.79 -15.73 -61.87
N GLU C 638 -12.42 -14.64 -62.55
CA GLU C 638 -13.31 -13.51 -62.72
C GLU C 638 -14.76 -13.82 -63.11
N GLU C 639 -14.99 -14.84 -63.91
CA GLU C 639 -16.36 -15.17 -64.32
C GLU C 639 -17.14 -15.87 -63.22
N CYS C 640 -16.48 -16.04 -62.08
CA CYS C 640 -17.08 -16.69 -60.92
C CYS C 640 -17.42 -15.66 -59.85
N VAL C 641 -16.86 -14.47 -59.99
CA VAL C 641 -17.08 -13.42 -59.02
C VAL C 641 -17.76 -12.15 -59.53
N GLU C 642 -18.71 -11.63 -58.75
CA GLU C 642 -19.39 -10.40 -59.08
C GLU C 642 -19.16 -9.47 -57.89
N GLU C 643 -18.45 -8.38 -58.10
CA GLU C 643 -18.19 -7.48 -57.00
C GLU C 643 -19.43 -6.67 -56.63
N VAL C 644 -19.61 -6.41 -55.34
CA VAL C 644 -20.75 -5.64 -54.87
C VAL C 644 -20.39 -4.20 -55.22
N ARG C 645 -21.17 -3.57 -56.11
CA ARG C 645 -20.85 -2.21 -56.49
C ARG C 645 -21.23 -1.14 -55.46
N LEU C 646 -20.31 -0.21 -55.22
CA LEU C 646 -20.53 0.86 -54.25
C LEU C 646 -21.01 2.14 -54.92
N ARG C 647 -21.29 2.06 -56.21
CA ARG C 647 -21.75 3.23 -56.95
C ARG C 647 -22.61 2.75 -58.08
N ALA C 648 -23.53 3.59 -58.51
CA ALA C 648 -24.49 3.24 -59.55
C ALA C 648 -23.89 3.00 -60.94
N THR C 649 -23.39 4.06 -61.57
CA THR C 649 -22.80 3.96 -62.90
C THR C 649 -21.30 3.81 -62.84
N VAL C 650 -20.73 3.38 -63.96
CA VAL C 650 -19.28 3.20 -64.05
C VAL C 650 -18.64 4.58 -64.16
N SER C 651 -17.55 4.81 -63.43
CA SER C 651 -16.87 6.10 -63.45
C SER C 651 -16.57 6.50 -64.90
N ARG C 652 -17.18 7.60 -65.34
CA ARG C 652 -17.00 8.08 -66.71
C ARG C 652 -15.52 8.35 -67.04
N PRO C 653 -15.03 7.79 -68.17
CA PRO C 653 -13.64 7.96 -68.62
C PRO C 653 -13.28 9.41 -68.92
N VAL C 654 -12.32 9.96 -68.19
CA VAL C 654 -11.90 11.34 -68.38
C VAL C 654 -10.59 11.44 -69.16
N SER C 655 -10.65 12.14 -70.29
CA SER C 655 -9.49 12.32 -71.16
C SER C 655 -8.37 13.11 -70.50
N HIS C 656 -7.19 13.10 -71.13
CA HIS C 656 -6.05 13.80 -70.58
C HIS C 656 -6.03 15.28 -70.92
N GLN C 657 -5.54 16.09 -69.98
CA GLN C 657 -5.46 17.54 -70.14
C GLN C 657 -4.02 18.05 -70.19
N ARG C 658 -3.63 18.64 -71.32
CA ARG C 658 -2.27 19.17 -71.46
C ARG C 658 -2.00 20.35 -70.55
N MET C 659 -1.43 20.06 -69.39
CA MET C 659 -1.10 21.10 -68.42
C MET C 659 0.30 20.88 -67.89
N GLY C 660 1.18 21.83 -68.13
CA GLY C 660 2.54 21.72 -67.62
C GLY C 660 2.57 22.51 -66.33
N THR C 661 1.39 22.66 -65.75
CA THR C 661 1.22 23.41 -64.51
C THR C 661 1.34 22.59 -63.24
N PRO C 662 2.46 21.89 -63.09
CA PRO C 662 2.75 21.05 -61.93
C PRO C 662 1.54 20.41 -61.25
N MET D 1 -0.62 51.59 51.84
CA MET D 1 -0.74 52.99 52.38
C MET D 1 0.07 53.15 53.67
N ASP D 2 -0.60 52.92 54.80
CA ASP D 2 0.02 53.04 56.12
C ASP D 2 1.48 52.63 56.16
N VAL D 3 2.36 53.54 55.74
CA VAL D 3 3.80 53.29 55.72
C VAL D 3 4.22 52.41 56.88
N SER D 4 3.59 52.60 58.04
CA SER D 4 3.93 51.83 59.22
C SER D 4 3.70 50.33 59.03
N TYR D 5 2.69 49.93 58.26
CA TYR D 5 2.44 48.51 58.06
C TYR D 5 3.42 47.95 57.02
N LEU D 6 4.12 48.85 56.34
CA LEU D 6 5.10 48.46 55.33
C LEU D 6 6.44 48.14 55.97
N LEU D 7 6.77 48.85 57.04
CA LEU D 7 8.05 48.66 57.70
C LEU D 7 8.06 47.79 58.94
N ASP D 8 6.91 47.56 59.55
CA ASP D 8 6.86 46.79 60.79
C ASP D 8 7.62 45.46 60.84
N SER D 9 7.38 44.60 59.87
CA SER D 9 8.03 43.30 59.84
C SER D 9 9.53 43.33 59.54
N LEU D 10 9.92 44.18 58.61
CA LEU D 10 11.29 44.29 58.16
C LEU D 10 12.35 44.50 59.23
N ASN D 11 13.53 43.94 58.99
CA ASN D 11 14.64 44.09 59.92
C ASN D 11 15.55 45.19 59.38
N ASP D 12 16.64 45.47 60.08
CA ASP D 12 17.56 46.54 59.66
C ASP D 12 17.81 46.66 58.18
N LYS D 13 18.55 45.71 57.62
CA LYS D 13 18.90 45.76 56.21
C LYS D 13 17.72 45.75 55.27
N GLN D 14 16.66 45.05 55.64
CA GLN D 14 15.49 45.03 54.79
C GLN D 14 14.86 46.42 54.75
N ARG D 15 14.78 47.06 55.92
CA ARG D 15 14.24 48.41 56.06
C ARG D 15 15.01 49.38 55.17
N GLU D 16 16.33 49.35 55.30
CA GLU D 16 17.19 50.22 54.51
C GLU D 16 16.93 50.05 53.01
N ALA D 17 16.63 48.84 52.59
CA ALA D 17 16.35 48.59 51.18
C ALA D 17 14.99 49.14 50.80
N VAL D 18 13.98 48.82 51.59
CA VAL D 18 12.63 49.23 51.31
C VAL D 18 12.38 50.74 51.44
N ALA D 19 12.98 51.37 52.44
CA ALA D 19 12.77 52.79 52.67
C ALA D 19 13.92 53.65 52.18
N ALA D 20 14.54 53.23 51.09
CA ALA D 20 15.67 53.96 50.56
C ALA D 20 15.27 55.02 49.52
N PRO D 21 16.22 55.92 49.21
CA PRO D 21 15.95 56.96 48.21
C PRO D 21 15.79 56.23 46.87
N ARG D 22 15.15 56.85 45.89
CA ARG D 22 15.04 56.16 44.61
C ARG D 22 16.43 56.10 43.99
N SER D 23 17.04 54.93 43.98
CA SER D 23 18.35 54.81 43.39
C SER D 23 18.56 53.40 42.88
N ASN D 24 19.61 53.21 42.08
CA ASN D 24 19.92 51.89 41.57
C ASN D 24 20.49 51.07 42.70
N LEU D 25 19.75 50.03 43.08
CA LEU D 25 20.18 49.22 44.20
C LEU D 25 20.15 47.69 43.99
N LEU D 26 21.18 47.02 44.51
CA LEU D 26 21.29 45.57 44.45
C LEU D 26 21.21 44.99 45.86
N VAL D 27 20.27 44.08 46.07
CA VAL D 27 20.11 43.42 47.36
C VAL D 27 20.64 41.99 47.15
N LEU D 28 21.82 41.71 47.70
CA LEU D 28 22.44 40.39 47.55
C LEU D 28 22.38 39.61 48.86
N ALA D 29 21.80 38.41 48.81
CA ALA D 29 21.68 37.59 50.02
C ALA D 29 21.28 36.15 49.75
N GLY D 30 21.65 35.27 50.67
CA GLY D 30 21.32 33.86 50.54
C GLY D 30 19.82 33.59 50.60
N ALA D 31 19.45 32.33 50.38
CA ALA D 31 18.06 31.90 50.37
C ALA D 31 17.26 32.16 51.65
N GLY D 32 16.00 32.55 51.46
CA GLY D 32 15.10 32.81 52.58
C GLY D 32 15.50 33.94 53.51
N SER D 33 16.05 35.01 52.97
CA SER D 33 16.45 36.15 53.80
C SER D 33 15.50 37.31 53.61
N GLY D 34 14.46 37.09 52.80
CA GLY D 34 13.46 38.11 52.55
C GLY D 34 13.72 39.05 51.39
N LYS D 35 14.53 38.62 50.44
CA LYS D 35 14.82 39.46 49.29
C LYS D 35 13.52 39.72 48.52
N THR D 36 12.72 38.68 48.33
CA THR D 36 11.47 38.90 47.61
C THR D 36 10.48 39.70 48.46
N ARG D 37 10.51 39.51 49.77
CA ARG D 37 9.64 40.28 50.65
C ARG D 37 10.00 41.75 50.46
N VAL D 38 11.30 42.01 50.46
CA VAL D 38 11.83 43.34 50.28
C VAL D 38 11.41 43.95 48.95
N LEU D 39 11.59 43.21 47.88
CA LEU D 39 11.22 43.72 46.58
C LEU D 39 9.76 44.10 46.55
N VAL D 40 8.91 43.25 47.11
CA VAL D 40 7.47 43.55 47.09
C VAL D 40 7.10 44.75 47.92
N HIS D 41 7.72 44.88 49.09
CA HIS D 41 7.42 46.01 49.92
C HIS D 41 7.96 47.28 49.28
N ARG D 42 9.11 47.17 48.63
CA ARG D 42 9.73 48.30 47.93
C ARG D 42 8.77 48.85 46.89
N ILE D 43 7.94 47.98 46.34
CA ILE D 43 6.97 48.44 45.35
C ILE D 43 5.93 49.29 46.08
N ALA D 44 5.42 48.78 47.20
CA ALA D 44 4.43 49.50 47.96
C ALA D 44 4.97 50.87 48.37
N TRP D 45 6.23 50.91 48.78
CA TRP D 45 6.84 52.17 49.19
C TRP D 45 6.97 53.13 48.03
N LEU D 46 7.40 52.64 46.87
CA LEU D 46 7.51 53.53 45.72
C LEU D 46 6.16 54.20 45.47
N MET D 47 5.09 53.54 45.86
CA MET D 47 3.77 54.08 45.63
C MET D 47 3.20 55.05 46.67
N SER D 48 3.39 54.78 47.96
CA SER D 48 2.84 55.69 48.96
C SER D 48 3.77 56.79 49.48
N VAL D 49 5.05 56.50 49.63
CA VAL D 49 6.01 57.49 50.12
C VAL D 49 6.54 58.34 48.99
N GLU D 50 6.96 57.68 47.91
CA GLU D 50 7.50 58.37 46.73
C GLU D 50 6.38 58.68 45.75
N ASN D 51 5.15 58.43 46.18
CA ASN D 51 3.98 58.66 45.33
C ASN D 51 4.27 58.45 43.85
N CYS D 52 4.68 57.23 43.51
CA CYS D 52 4.97 56.86 42.13
C CYS D 52 3.73 56.16 41.59
N SER D 53 3.49 56.32 40.30
CA SER D 53 2.34 55.72 39.68
C SER D 53 2.58 54.26 39.40
N PRO D 54 1.55 53.43 39.62
CA PRO D 54 1.64 51.98 39.37
C PRO D 54 2.14 51.71 37.96
N TYR D 55 1.81 52.59 37.03
CA TYR D 55 2.21 52.42 35.66
C TYR D 55 3.70 52.50 35.43
N SER D 56 4.41 53.18 36.33
CA SER D 56 5.86 53.31 36.18
C SER D 56 6.61 52.16 36.84
N ILE D 57 5.91 51.07 37.10
CA ILE D 57 6.53 49.94 37.75
C ILE D 57 6.50 48.63 36.98
N MET D 58 7.70 48.11 36.73
CA MET D 58 7.87 46.82 36.05
C MET D 58 8.58 45.86 37.01
N ALA D 59 7.90 44.77 37.34
CA ALA D 59 8.46 43.74 38.21
C ALA D 59 8.69 42.56 37.30
N VAL D 60 9.95 42.26 37.01
CA VAL D 60 10.26 41.15 36.11
C VAL D 60 11.29 40.13 36.59
N THR D 61 11.10 38.88 36.16
CA THR D 61 12.03 37.79 36.48
C THR D 61 11.96 36.71 35.39
N PHE D 62 12.78 35.68 35.53
CA PHE D 62 12.83 34.61 34.52
C PHE D 62 11.72 33.54 34.49
N THR D 63 11.52 32.81 35.58
CA THR D 63 10.50 31.74 35.55
C THR D 63 9.10 32.17 35.92
N ASN D 64 8.13 31.47 35.36
CA ASN D 64 6.73 31.73 35.66
C ASN D 64 6.50 31.55 37.16
N LYS D 65 7.09 30.51 37.74
CA LYS D 65 6.93 30.28 39.16
C LYS D 65 7.29 31.50 40.00
N ALA D 66 8.47 32.05 39.78
CA ALA D 66 8.95 33.20 40.54
C ALA D 66 8.08 34.45 40.33
N ALA D 67 7.59 34.62 39.11
CA ALA D 67 6.78 35.76 38.76
C ALA D 67 5.44 35.67 39.47
N ALA D 68 4.92 34.45 39.56
CA ALA D 68 3.64 34.23 40.20
C ALA D 68 3.77 34.59 41.66
N GLU D 69 4.90 34.25 42.26
CA GLU D 69 5.14 34.52 43.67
C GLU D 69 5.11 36.02 43.89
N MET D 70 5.83 36.76 43.03
CA MET D 70 5.85 38.21 43.14
C MET D 70 4.44 38.72 43.00
N ARG D 71 3.81 38.32 41.90
CA ARG D 71 2.43 38.70 41.60
C ARG D 71 1.56 38.42 42.81
N HIS D 72 1.68 37.22 43.35
CA HIS D 72 0.88 36.86 44.51
C HIS D 72 1.18 37.75 45.71
N ARG D 73 2.41 37.78 46.16
CA ARG D 73 2.74 38.61 47.31
C ARG D 73 2.32 40.08 47.13
N ILE D 74 2.40 40.60 45.90
CA ILE D 74 2.02 41.98 45.61
C ILE D 74 0.53 42.19 45.87
N GLY D 75 -0.25 41.13 45.74
CA GLY D 75 -1.68 41.22 45.98
C GLY D 75 -1.97 41.26 47.46
N GLN D 76 -1.46 40.29 48.20
CA GLN D 76 -1.68 40.21 49.64
C GLN D 76 -1.38 41.51 50.38
N LEU D 77 -0.38 42.24 49.91
CA LEU D 77 0.02 43.48 50.54
C LEU D 77 -0.74 44.69 50.02
N MET D 78 -0.96 44.74 48.70
CA MET D 78 -1.65 45.86 48.10
C MET D 78 -3.00 45.51 47.48
N GLY D 79 -3.65 44.49 48.03
CA GLY D 79 -4.95 44.06 47.56
C GLY D 79 -5.24 44.33 46.10
N THR D 80 -4.43 43.77 45.22
CA THR D 80 -4.60 43.92 43.77
C THR D 80 -5.18 45.25 43.27
N SER D 81 -4.65 46.36 43.78
CA SER D 81 -5.06 47.68 43.34
C SER D 81 -3.90 48.11 42.44
N GLN D 82 -3.08 47.10 42.12
CA GLN D 82 -1.90 47.24 41.30
C GLN D 82 -2.24 47.55 39.84
N GLY D 83 -3.46 47.26 39.43
CA GLY D 83 -3.87 47.51 38.06
C GLY D 83 -3.08 48.62 37.37
N GLY D 84 -2.11 48.23 36.54
CA GLY D 84 -1.31 49.24 35.84
C GLY D 84 0.16 48.86 35.73
N MET D 85 0.70 48.24 36.78
CA MET D 85 2.09 47.84 36.79
C MET D 85 2.27 46.52 36.06
N TRP D 86 3.44 46.36 35.45
CA TRP D 86 3.76 45.16 34.71
C TRP D 86 4.50 44.15 35.58
N VAL D 87 3.88 43.01 35.80
CA VAL D 87 4.50 41.95 36.58
C VAL D 87 4.50 40.63 35.79
N GLY D 88 5.68 40.28 35.24
CA GLY D 88 5.79 39.05 34.47
C GLY D 88 7.20 38.55 34.20
N THR D 89 7.32 37.61 33.27
CA THR D 89 8.61 37.05 32.94
C THR D 89 9.26 37.88 31.84
N PHE D 90 10.56 37.70 31.65
CA PHE D 90 11.24 38.45 30.62
C PHE D 90 10.59 38.09 29.30
N HIS D 91 10.38 36.80 29.09
CA HIS D 91 9.75 36.35 27.85
C HIS D 91 8.35 36.93 27.76
N GLY D 92 7.60 36.86 28.86
CA GLY D 92 6.25 37.38 28.88
C GLY D 92 6.17 38.84 28.48
N LEU D 93 6.91 39.70 29.16
CA LEU D 93 6.90 41.12 28.86
C LEU D 93 7.40 41.40 27.45
N ALA D 94 8.39 40.63 27.01
CA ALA D 94 8.93 40.81 25.67
C ALA D 94 7.80 40.52 24.68
N HIS D 95 7.06 39.45 24.94
CA HIS D 95 5.95 39.05 24.09
C HIS D 95 4.98 40.23 23.98
N ARG D 96 4.55 40.69 25.15
CA ARG D 96 3.63 41.81 25.30
C ARG D 96 4.01 43.00 24.45
N LEU D 97 5.29 43.35 24.49
CA LEU D 97 5.82 44.46 23.71
C LEU D 97 5.81 44.19 22.21
N LEU D 98 6.15 42.97 21.81
CA LEU D 98 6.17 42.63 20.40
C LEU D 98 4.76 42.55 19.81
N ARG D 99 3.78 42.08 20.58
CA ARG D 99 2.42 42.02 20.06
C ARG D 99 1.93 43.44 19.74
N ALA D 100 1.87 44.29 20.76
CA ALA D 100 1.42 45.66 20.59
C ALA D 100 2.32 46.51 19.70
N HIS D 101 3.35 45.93 19.11
CA HIS D 101 4.24 46.71 18.24
C HIS D 101 4.75 45.92 17.05
N HIS D 102 4.06 44.82 16.73
CA HIS D 102 4.48 43.97 15.63
C HIS D 102 4.95 44.72 14.39
N MET D 103 4.35 45.87 14.14
CA MET D 103 4.71 46.69 12.99
C MET D 103 6.18 47.06 12.95
N ASP D 104 6.64 47.83 13.92
CA ASP D 104 8.03 48.24 13.97
C ASP D 104 8.90 47.02 14.27
N ALA D 105 8.25 45.89 14.51
CA ALA D 105 8.93 44.64 14.82
C ALA D 105 8.94 43.70 13.62
N ASN D 106 8.50 44.21 12.48
CA ASN D 106 8.45 43.42 11.26
C ASN D 106 7.79 42.07 11.48
N LEU D 107 6.78 42.03 12.35
CA LEU D 107 6.10 40.78 12.63
C LEU D 107 4.60 40.87 12.37
N PRO D 108 4.04 39.91 11.63
CA PRO D 108 2.61 39.96 11.36
C PRO D 108 1.82 39.90 12.67
N GLN D 109 0.93 40.86 12.87
CA GLN D 109 0.12 40.95 14.07
C GLN D 109 -0.26 39.65 14.77
N ASP D 110 -0.53 38.60 14.01
CA ASP D 110 -0.90 37.34 14.63
C ASP D 110 0.24 36.32 14.63
N PHE D 111 1.48 36.77 14.82
CA PHE D 111 2.58 35.84 14.80
C PHE D 111 2.39 34.71 15.80
N GLN D 112 2.91 33.54 15.45
CA GLN D 112 2.78 32.36 16.28
C GLN D 112 4.08 32.06 17.01
N ILE D 113 3.97 31.60 18.24
CA ILE D 113 5.14 31.26 19.04
C ILE D 113 5.57 29.84 18.73
N LEU D 114 6.86 29.66 18.49
CA LEU D 114 7.42 28.35 18.17
C LEU D 114 8.09 27.76 19.41
N ASP D 115 7.51 26.70 19.95
CA ASP D 115 8.07 26.06 21.14
C ASP D 115 9.27 25.17 20.79
N SER D 116 9.68 24.32 21.72
CA SER D 116 10.81 23.44 21.49
C SER D 116 10.52 22.41 20.42
N GLU D 117 9.62 21.48 20.72
CA GLU D 117 9.26 20.43 19.78
C GLU D 117 9.05 20.95 18.35
N ASP D 118 8.38 22.08 18.23
CA ASP D 118 8.11 22.69 16.94
C ASP D 118 9.40 23.19 16.30
N GLN D 119 10.28 23.76 17.13
CA GLN D 119 11.55 24.28 16.65
C GLN D 119 12.41 23.10 16.22
N LEU D 120 12.45 22.07 17.05
CA LEU D 120 13.25 20.89 16.76
C LEU D 120 12.83 20.30 15.41
N ARG D 121 11.53 20.24 15.16
CA ARG D 121 11.05 19.67 13.91
C ARG D 121 11.36 20.55 12.71
N LEU D 122 11.04 21.85 12.81
CA LEU D 122 11.32 22.74 11.70
C LEU D 122 12.80 22.66 11.34
N LEU D 123 13.64 22.41 12.34
CA LEU D 123 15.07 22.31 12.10
C LEU D 123 15.41 21.02 11.38
N LYS D 124 14.79 19.92 11.78
CA LYS D 124 15.02 18.64 11.13
C LYS D 124 14.78 18.83 9.63
N ARG D 125 13.53 19.11 9.28
CA ARG D 125 13.13 19.32 7.90
C ARG D 125 14.01 20.33 7.17
N LEU D 126 14.39 21.41 7.86
CA LEU D 126 15.23 22.44 7.25
C LEU D 126 16.61 21.88 6.90
N ILE D 127 17.14 21.02 7.76
CA ILE D 127 18.44 20.43 7.51
C ILE D 127 18.36 19.34 6.45
N LYS D 128 17.35 18.48 6.55
CA LYS D 128 17.18 17.43 5.56
C LYS D 128 16.99 18.07 4.18
N ALA D 129 16.35 19.24 4.17
CA ALA D 129 16.13 19.97 2.93
C ALA D 129 17.44 20.46 2.36
N MET D 130 18.20 21.19 3.17
CA MET D 130 19.50 21.73 2.77
C MET D 130 20.45 20.62 2.33
N ASN D 131 19.93 19.40 2.24
CA ASN D 131 20.74 18.25 1.84
C ASN D 131 21.97 18.13 2.73
N LEU D 132 21.72 17.81 3.99
CA LEU D 132 22.77 17.62 4.99
C LEU D 132 22.42 16.36 5.76
N ASP D 133 23.40 15.49 5.97
CA ASP D 133 23.18 14.24 6.68
C ASP D 133 22.89 14.43 8.17
N GLU D 134 21.78 13.86 8.64
CA GLU D 134 21.37 13.98 10.03
C GLU D 134 22.46 13.71 11.08
N LYS D 135 23.32 12.72 10.84
CA LYS D 135 24.37 12.40 11.80
C LYS D 135 25.56 13.35 11.83
N GLN D 136 25.84 13.99 10.70
CA GLN D 136 26.97 14.92 10.63
C GLN D 136 26.61 16.29 11.20
N TRP D 137 25.33 16.66 11.07
CA TRP D 137 24.84 17.94 11.58
C TRP D 137 23.51 17.72 12.29
N PRO D 138 23.54 17.07 13.46
CA PRO D 138 22.34 16.77 14.25
C PRO D 138 21.45 17.99 14.48
N PRO D 139 20.12 17.80 14.37
CA PRO D 139 19.12 18.85 14.56
C PRO D 139 19.28 19.55 15.91
N ARG D 140 19.19 18.77 16.98
CA ARG D 140 19.35 19.31 18.32
C ARG D 140 20.57 20.22 18.34
N GLN D 141 21.70 19.69 17.90
CA GLN D 141 22.93 20.45 17.86
C GLN D 141 22.71 21.79 17.18
N ALA D 142 21.84 21.81 16.16
CA ALA D 142 21.56 23.06 15.46
C ALA D 142 20.68 23.99 16.31
N MET D 143 19.75 23.38 17.05
CA MET D 143 18.87 24.16 17.90
C MET D 143 19.70 24.84 18.97
N TRP D 144 20.49 24.04 19.68
CA TRP D 144 21.35 24.58 20.72
C TRP D 144 22.16 25.71 20.12
N TYR D 145 22.84 25.44 19.01
CA TYR D 145 23.66 26.45 18.35
C TYR D 145 22.89 27.74 18.10
N ILE D 146 21.71 27.61 17.48
CA ILE D 146 20.89 28.78 17.19
C ILE D 146 20.42 29.55 18.42
N ASN D 147 19.77 28.85 19.34
CA ASN D 147 19.28 29.48 20.56
C ASN D 147 20.43 30.17 21.29
N SER D 148 21.58 29.51 21.32
CA SER D 148 22.76 30.05 21.98
C SER D 148 23.13 31.39 21.38
N GLN D 149 23.04 31.48 20.05
CA GLN D 149 23.37 32.72 19.37
C GLN D 149 22.43 33.82 19.82
N LYS D 150 21.13 33.52 19.83
CA LYS D 150 20.16 34.52 20.25
C LYS D 150 20.30 34.86 21.74
N ASP D 151 20.68 33.89 22.56
CA ASP D 151 20.86 34.16 23.97
C ASP D 151 21.89 35.28 24.07
N GLU D 152 22.77 35.34 23.08
CA GLU D 152 23.81 36.36 23.05
C GLU D 152 23.45 37.50 22.11
N GLY D 153 22.19 37.54 21.71
CA GLY D 153 21.72 38.59 20.82
C GLY D 153 22.42 38.65 19.49
N LEU D 154 23.00 37.52 19.05
CA LEU D 154 23.71 37.47 17.78
C LEU D 154 22.84 36.96 16.65
N ARG D 155 22.67 37.78 15.62
CA ARG D 155 21.91 37.39 14.47
C ARG D 155 22.86 36.65 13.53
N PRO D 156 22.34 36.04 12.47
CA PRO D 156 23.20 35.32 11.53
C PRO D 156 24.35 36.15 10.96
N HIS D 157 24.04 37.34 10.47
CA HIS D 157 25.07 38.18 9.89
C HIS D 157 26.26 38.47 10.81
N HIS D 158 25.98 38.94 12.02
CA HIS D 158 27.02 39.25 13.01
C HIS D 158 28.22 38.31 12.95
N ILE D 159 27.99 37.06 12.58
CA ILE D 159 29.06 36.07 12.47
C ILE D 159 29.27 35.75 11.00
N GLY D 163 35.11 33.08 8.66
CA GLY D 163 36.45 33.04 9.26
C GLY D 163 36.64 31.77 10.09
N ASN D 164 35.52 31.23 10.59
CA ASN D 164 35.51 30.04 11.44
C ASN D 164 35.66 28.68 10.74
N PRO D 165 35.67 27.57 11.51
CA PRO D 165 35.80 26.20 11.01
C PRO D 165 34.54 25.57 10.39
N VAL D 166 34.11 24.44 10.96
CA VAL D 166 32.93 23.72 10.50
C VAL D 166 31.67 24.22 11.19
N GLU D 167 31.62 25.53 11.41
CA GLU D 167 30.48 26.15 12.05
C GLU D 167 29.96 27.23 11.10
N GLN D 168 30.72 27.49 10.04
CA GLN D 168 30.29 28.47 9.06
C GLN D 168 29.06 27.85 8.42
N THR D 169 29.00 26.52 8.48
CA THR D 169 27.86 25.78 7.94
C THR D 169 26.68 25.97 8.89
N TRP D 170 26.93 25.84 10.20
CA TRP D 170 25.90 26.03 11.21
C TRP D 170 25.37 27.44 11.02
N GLN D 171 26.29 28.36 10.75
CA GLN D 171 25.94 29.76 10.53
C GLN D 171 25.05 29.86 9.30
N LYS D 172 25.11 28.84 8.45
CA LYS D 172 24.29 28.81 7.24
C LYS D 172 22.89 28.29 7.61
N VAL D 173 22.83 27.29 8.48
CA VAL D 173 21.56 26.72 8.90
C VAL D 173 20.77 27.75 9.71
N TYR D 174 21.49 28.53 10.51
CA TYR D 174 20.87 29.56 11.33
C TYR D 174 20.11 30.49 10.40
N GLN D 175 20.80 31.02 9.39
CA GLN D 175 20.18 31.93 8.43
C GLN D 175 18.95 31.33 7.73
N ALA D 176 19.03 30.06 7.35
CA ALA D 176 17.93 29.39 6.69
C ALA D 176 16.73 29.44 7.63
N TYR D 177 16.94 28.94 8.85
CA TYR D 177 15.92 28.90 9.91
C TYR D 177 15.20 30.24 10.04
N GLN D 178 15.94 31.32 10.23
CA GLN D 178 15.34 32.64 10.36
C GLN D 178 14.36 32.87 9.23
N GLU D 179 14.85 32.70 8.00
CA GLU D 179 14.03 32.88 6.81
C GLU D 179 12.74 32.06 6.88
N ALA D 180 12.87 30.79 7.22
CA ALA D 180 11.70 29.92 7.30
C ALA D 180 10.70 30.43 8.32
N CYS D 181 11.19 30.90 9.46
CA CYS D 181 10.33 31.42 10.52
C CYS D 181 9.64 32.71 10.12
N ASP D 182 10.44 33.67 9.67
CA ASP D 182 9.89 34.97 9.25
C ASP D 182 8.82 34.74 8.19
N ARG D 183 9.19 34.05 7.11
CA ARG D 183 8.23 33.75 6.06
C ARG D 183 6.98 33.12 6.67
N ALA D 184 7.18 32.16 7.57
CA ALA D 184 6.07 31.47 8.20
C ALA D 184 5.34 32.32 9.23
N GLY D 185 6.04 33.34 9.75
CA GLY D 185 5.43 34.20 10.75
C GLY D 185 5.53 33.54 12.11
N LEU D 186 6.62 32.82 12.31
CA LEU D 186 6.89 32.14 13.56
C LEU D 186 7.97 32.85 14.37
N VAL D 187 7.88 32.71 15.69
CA VAL D 187 8.85 33.31 16.59
C VAL D 187 9.10 32.35 17.76
N ASP D 188 10.35 31.93 17.93
CA ASP D 188 10.67 31.01 19.02
C ASP D 188 10.97 31.82 20.29
N PHE D 189 11.18 31.13 21.39
CA PHE D 189 11.43 31.79 22.66
C PHE D 189 12.63 32.73 22.65
N ALA D 190 13.75 32.26 22.14
CA ALA D 190 14.95 33.08 22.08
C ALA D 190 14.66 34.34 21.27
N GLU D 191 13.84 34.19 20.24
CA GLU D 191 13.48 35.29 19.36
C GLU D 191 12.74 36.40 20.10
N LEU D 192 11.75 36.03 20.90
CA LEU D 192 10.98 37.01 21.66
C LEU D 192 11.87 38.06 22.28
N LEU D 193 12.84 37.61 23.07
CA LEU D 193 13.76 38.52 23.73
C LEU D 193 14.61 39.35 22.77
N LEU D 194 15.23 38.70 21.79
CA LEU D 194 16.09 39.38 20.82
C LEU D 194 15.38 40.43 19.96
N ARG D 195 14.17 40.10 19.51
CA ARG D 195 13.37 41.01 18.68
C ARG D 195 13.09 42.26 19.50
N ALA D 196 12.39 42.07 20.60
CA ALA D 196 12.04 43.14 21.52
C ALA D 196 13.23 44.02 21.86
N HIS D 197 14.43 43.45 21.91
CA HIS D 197 15.57 44.27 22.21
C HIS D 197 15.85 45.15 21.01
N GLU D 198 15.90 44.52 19.84
CA GLU D 198 16.15 45.24 18.61
C GLU D 198 15.10 46.33 18.47
N LEU D 199 13.87 46.02 18.89
CA LEU D 199 12.80 47.00 18.83
C LEU D 199 13.26 48.34 19.38
N TRP D 200 13.76 48.35 20.61
CA TRP D 200 14.21 49.59 21.23
C TRP D 200 15.51 50.14 20.65
N LEU D 201 16.20 49.35 19.84
CA LEU D 201 17.43 49.83 19.25
C LEU D 201 17.19 50.47 17.89
N ASN D 202 16.03 50.21 17.30
CA ASN D 202 15.71 50.76 15.98
C ASN D 202 14.41 51.55 15.95
N LYS D 203 13.95 51.95 17.13
CA LYS D 203 12.73 52.74 17.23
C LYS D 203 12.87 53.64 18.44
N PRO D 204 13.97 54.40 18.52
CA PRO D 204 14.23 55.31 19.62
C PRO D 204 13.00 55.98 20.22
N HIS D 205 11.97 56.21 19.39
CA HIS D 205 10.77 56.85 19.91
C HIS D 205 9.96 55.90 20.77
N ILE D 206 10.03 54.60 20.48
CA ILE D 206 9.30 53.63 21.28
C ILE D 206 10.02 53.49 22.62
N LEU D 207 11.34 53.44 22.55
CA LEU D 207 12.18 53.33 23.73
C LEU D 207 11.95 54.53 24.64
N GLN D 208 12.07 55.72 24.06
CA GLN D 208 11.88 56.98 24.80
C GLN D 208 10.53 56.93 25.49
N HIS D 209 9.56 56.30 24.85
CA HIS D 209 8.24 56.19 25.43
C HIS D 209 8.23 55.38 26.72
N TYR D 210 8.85 54.20 26.66
CA TYR D 210 8.92 53.30 27.80
C TYR D 210 9.83 53.82 28.90
N ARG D 211 10.98 54.38 28.53
CA ARG D 211 11.88 54.94 29.53
C ARG D 211 11.04 55.94 30.32
N GLU D 212 10.13 56.61 29.62
CA GLU D 212 9.26 57.58 30.25
C GLU D 212 8.28 56.88 31.20
N ARG D 213 7.67 55.80 30.74
CA ARG D 213 6.71 55.08 31.58
C ARG D 213 7.33 54.30 32.74
N PHE D 214 8.24 53.39 32.40
CA PHE D 214 8.88 52.55 33.39
C PHE D 214 10.14 53.13 33.99
N THR D 215 9.91 54.01 34.95
CA THR D 215 10.95 54.70 35.68
C THR D 215 11.41 53.79 36.81
N ASN D 216 10.56 52.83 37.18
CA ASN D 216 10.87 51.91 38.27
C ASN D 216 10.91 50.44 37.88
N ILE D 217 12.11 49.92 37.70
CA ILE D 217 12.31 48.52 37.33
C ILE D 217 12.83 47.66 38.49
N LEU D 218 12.15 46.54 38.75
CA LEU D 218 12.56 45.61 39.81
C LEU D 218 12.69 44.21 39.24
N VAL D 219 13.83 43.56 39.49
CA VAL D 219 14.08 42.21 38.98
C VAL D 219 14.32 41.20 40.11
N ASP D 220 13.57 40.10 40.11
CA ASP D 220 13.79 39.11 41.16
C ASP D 220 14.64 37.98 40.62
N GLU D 221 15.29 37.24 41.53
CA GLU D 221 16.12 36.12 41.13
C GLU D 221 17.04 36.57 40.00
N PHE D 222 17.65 37.74 40.17
CA PHE D 222 18.52 38.31 39.15
C PHE D 222 19.61 37.43 38.56
N GLN D 223 20.21 36.55 39.35
CA GLN D 223 21.29 35.74 38.83
C GLN D 223 20.82 34.81 37.72
N ASP D 224 19.54 34.85 37.40
CA ASP D 224 18.96 34.01 36.35
C ASP D 224 19.08 34.67 35.00
N THR D 225 19.13 36.00 34.99
CA THR D 225 19.20 36.78 33.75
C THR D 225 20.42 36.53 32.91
N ASN D 226 20.20 36.25 31.62
CA ASN D 226 21.32 36.04 30.70
C ASN D 226 21.68 37.36 30.02
N ASN D 227 22.63 37.33 29.09
CA ASN D 227 23.08 38.57 28.45
C ASN D 227 22.06 39.39 27.66
N ILE D 228 21.16 38.75 26.94
CA ILE D 228 20.18 39.49 26.17
C ILE D 228 19.20 40.15 27.13
N GLN D 229 18.87 39.43 28.21
CA GLN D 229 17.96 39.95 29.21
C GLN D 229 18.59 41.10 29.98
N TYR D 230 19.87 40.98 30.29
CA TYR D 230 20.55 42.04 31.01
C TYR D 230 20.52 43.31 30.18
N ALA D 231 20.97 43.18 28.94
CA ALA D 231 21.02 44.28 27.99
C ALA D 231 19.66 44.95 27.87
N TRP D 232 18.62 44.13 27.76
CA TRP D 232 17.26 44.62 27.64
C TRP D 232 16.95 45.56 28.79
N ILE D 233 17.32 45.17 30.01
CA ILE D 233 17.06 45.99 31.19
C ILE D 233 17.97 47.22 31.28
N ARG D 234 19.26 47.04 31.01
CA ARG D 234 20.18 48.17 31.08
C ARG D 234 19.67 49.20 30.09
N LEU D 235 19.24 48.72 28.93
CA LEU D 235 18.72 49.60 27.91
C LEU D 235 17.48 50.32 28.42
N LEU D 236 16.45 49.58 28.78
CA LEU D 236 15.22 50.18 29.28
C LEU D 236 15.44 51.19 30.41
N ALA D 237 16.49 51.01 31.18
CA ALA D 237 16.76 51.92 32.30
C ALA D 237 17.50 53.18 31.89
N GLY D 238 18.51 53.04 31.04
CA GLY D 238 19.29 54.19 30.60
C GLY D 238 19.94 54.91 31.76
N ASP D 239 19.65 56.20 31.92
CA ASP D 239 20.20 57.00 33.02
C ASP D 239 19.01 57.53 33.76
N THR D 240 17.85 57.33 33.17
CA THR D 240 16.59 57.80 33.71
C THR D 240 15.99 56.81 34.71
N GLY D 241 15.98 55.54 34.33
CA GLY D 241 15.40 54.51 35.19
C GLY D 241 16.17 54.19 36.45
N LYS D 242 15.42 53.93 37.53
CA LYS D 242 15.99 53.56 38.81
C LYS D 242 15.62 52.09 39.04
N VAL D 243 16.64 51.25 39.16
CA VAL D 243 16.44 49.81 39.29
C VAL D 243 16.85 49.08 40.57
N MET D 244 16.01 48.13 40.98
CA MET D 244 16.32 47.29 42.14
C MET D 244 16.45 45.85 41.67
N ILE D 245 17.62 45.27 41.84
CA ILE D 245 17.82 43.87 41.50
C ILE D 245 18.16 43.17 42.81
N VAL D 246 17.63 41.97 42.99
CA VAL D 246 17.92 41.17 44.17
C VAL D 246 18.26 39.77 43.68
N GLY D 247 19.18 39.12 44.36
CA GLY D 247 19.55 37.79 43.95
C GLY D 247 20.53 37.17 44.90
N ASP D 248 21.06 36.03 44.50
CA ASP D 248 22.02 35.29 45.29
C ASP D 248 22.91 34.59 44.27
N ASP D 249 24.20 34.87 44.29
CA ASP D 249 25.06 34.22 43.32
C ASP D 249 25.19 32.74 43.64
N ASP D 250 24.84 32.35 44.85
CA ASP D 250 24.91 30.94 45.19
C ASP D 250 23.79 30.14 44.52
N GLN D 251 22.78 30.83 44.03
CA GLN D 251 21.66 30.13 43.39
C GLN D 251 21.69 30.29 41.88
N SER D 252 22.88 30.40 41.33
CA SER D 252 23.03 30.54 39.89
C SER D 252 22.95 29.14 39.30
N ILE D 253 21.87 28.87 38.59
CA ILE D 253 21.66 27.56 38.00
C ILE D 253 21.22 27.52 36.54
N TYR D 254 21.50 28.58 35.79
CA TYR D 254 21.12 28.58 34.38
C TYR D 254 22.33 28.87 33.47
N GLY D 255 23.50 28.40 33.89
CA GLY D 255 24.69 28.62 33.09
C GLY D 255 24.49 28.08 31.69
N TRP D 256 23.82 26.94 31.60
CA TRP D 256 23.55 26.29 30.33
C TRP D 256 22.67 27.09 29.39
N ARG D 257 22.31 28.30 29.79
CA ARG D 257 21.50 29.14 28.94
C ARG D 257 21.91 30.62 29.01
N GLY D 258 23.21 30.83 29.18
CA GLY D 258 23.76 32.17 29.20
C GLY D 258 23.75 33.02 30.45
N ALA D 259 23.16 32.53 31.53
CA ALA D 259 23.12 33.31 32.76
C ALA D 259 24.43 33.12 33.51
N GLN D 260 25.30 34.12 33.43
CA GLN D 260 26.58 34.07 34.11
C GLN D 260 26.55 34.93 35.37
N VAL D 261 27.15 34.44 36.44
CA VAL D 261 27.18 35.16 37.72
C VAL D 261 27.57 36.63 37.59
N GLU D 262 28.55 36.90 36.73
CA GLU D 262 29.04 38.25 36.51
C GLU D 262 27.98 39.33 36.28
N ASN D 263 26.84 38.98 35.71
CA ASN D 263 25.82 39.99 35.48
C ASN D 263 25.53 40.79 36.72
N ILE D 264 25.95 40.29 37.87
CA ILE D 264 25.72 41.00 39.13
C ILE D 264 26.71 42.17 39.28
N GLN D 265 28.00 41.87 39.35
CA GLN D 265 29.02 42.91 39.48
C GLN D 265 28.88 43.86 38.29
N ARG D 266 28.44 43.30 37.18
CA ARG D 266 28.22 44.06 35.96
C ARG D 266 27.22 45.20 36.18
N PHE D 267 26.14 44.89 36.89
CA PHE D 267 25.09 45.86 37.22
C PHE D 267 25.68 47.01 38.04
N LEU D 268 26.61 46.66 38.92
CA LEU D 268 27.26 47.64 39.77
C LEU D 268 28.18 48.56 38.97
N ASN D 269 28.77 48.03 37.91
CA ASN D 269 29.65 48.82 37.07
C ASN D 269 28.85 49.66 36.08
N ASP D 270 27.79 49.08 35.52
CA ASP D 270 27.00 49.77 34.50
C ASP D 270 25.90 50.75 34.89
N PHE D 271 25.15 50.45 35.94
CA PHE D 271 24.08 51.36 36.33
C PHE D 271 24.62 52.47 37.22
N PRO D 272 24.14 53.70 37.01
CA PRO D 272 24.53 54.90 37.76
C PRO D 272 24.39 54.81 39.27
N GLY D 273 25.49 55.10 39.96
CA GLY D 273 25.54 55.10 41.40
C GLY D 273 25.04 53.83 42.06
N ALA D 274 25.24 52.70 41.38
CA ALA D 274 24.80 51.41 41.88
C ALA D 274 25.46 51.10 43.21
N GLU D 275 24.71 50.47 44.10
CA GLU D 275 25.22 50.10 45.41
C GLU D 275 24.63 48.77 45.87
N THR D 276 25.27 48.15 46.84
CA THR D 276 24.82 46.87 47.34
C THR D 276 24.34 46.92 48.78
N ILE D 277 23.29 46.14 49.06
CA ILE D 277 22.73 46.00 50.39
C ILE D 277 22.70 44.48 50.64
N ARG D 278 23.28 44.03 51.74
CA ARG D 278 23.33 42.60 52.03
C ARG D 278 22.46 42.16 53.20
N LEU D 279 21.49 41.29 52.91
CA LEU D 279 20.61 40.78 53.96
C LEU D 279 21.39 39.68 54.68
N GLU D 280 21.22 39.55 55.99
CA GLU D 280 21.98 38.53 56.69
C GLU D 280 21.16 37.55 57.55
N GLN D 281 19.85 37.72 57.61
CA GLN D 281 19.02 36.84 58.43
C GLN D 281 17.97 36.01 57.68
N ASN D 282 18.02 34.70 57.90
CA ASN D 282 17.07 33.77 57.27
C ASN D 282 15.82 33.66 58.12
N TYR D 283 14.65 33.63 57.47
CA TYR D 283 13.38 33.53 58.18
C TYR D 283 12.57 32.30 57.79
N ARG D 284 13.01 31.60 56.75
CA ARG D 284 12.30 30.43 56.24
C ARG D 284 12.53 29.09 56.91
N SER D 285 13.77 28.77 57.25
CA SER D 285 14.03 27.45 57.80
C SER D 285 14.58 27.30 59.20
N THR D 286 14.46 26.08 59.71
CA THR D 286 14.93 25.71 61.03
C THR D 286 16.45 25.79 60.99
N SER D 287 17.10 25.92 62.15
CA SER D 287 18.55 26.00 62.20
C SER D 287 19.22 24.79 61.57
N ASN D 288 18.59 23.63 61.71
CA ASN D 288 19.10 22.39 61.15
C ASN D 288 19.25 22.46 59.65
N ILE D 289 18.17 22.82 58.98
CA ILE D 289 18.21 22.91 57.53
C ILE D 289 19.22 23.96 57.09
N LEU D 290 19.19 25.11 57.74
CA LEU D 290 20.08 26.18 57.36
C LEU D 290 21.56 25.83 57.52
N SER D 291 21.89 25.07 58.56
CA SER D 291 23.29 24.71 58.78
C SER D 291 23.67 23.71 57.71
N ALA D 292 22.69 22.92 57.29
CA ALA D 292 22.97 21.95 56.26
C ALA D 292 23.30 22.74 55.01
N ALA D 293 22.43 23.69 54.68
CA ALA D 293 22.60 24.52 53.51
C ALA D 293 23.97 25.20 53.48
N ASN D 294 24.31 25.90 54.54
CA ASN D 294 25.58 26.60 54.59
C ASN D 294 26.76 25.65 54.38
N ALA D 295 26.73 24.51 55.07
CA ALA D 295 27.78 23.54 54.93
C ALA D 295 27.88 23.08 53.48
N LEU D 296 26.72 22.80 52.89
CA LEU D 296 26.66 22.35 51.51
C LEU D 296 27.27 23.35 50.53
N ILE D 297 26.80 24.59 50.59
CA ILE D 297 27.30 25.62 49.69
C ILE D 297 28.80 25.84 49.91
N GLU D 298 29.20 25.85 51.19
CA GLU D 298 30.59 26.04 51.60
C GLU D 298 31.58 25.13 50.89
N ASN D 299 31.10 24.17 50.10
CA ASN D 299 32.00 23.26 49.39
C ASN D 299 32.41 23.83 48.05
N ASN D 300 31.78 24.92 47.64
CA ASN D 300 32.14 25.55 46.37
C ASN D 300 33.26 26.55 46.65
N ASN D 301 34.12 26.73 45.66
CA ASN D 301 35.26 27.63 45.81
C ASN D 301 34.97 29.04 45.29
N GLY D 302 35.86 29.96 45.61
CA GLY D 302 35.67 31.34 45.18
C GLY D 302 34.62 31.95 46.09
N ARG D 303 33.36 31.82 45.69
CA ARG D 303 32.23 32.34 46.45
C ARG D 303 32.46 33.71 47.09
N LEU D 304 32.40 33.72 48.42
CA LEU D 304 32.56 34.96 49.18
C LEU D 304 32.52 34.65 50.68
N GLY D 305 31.39 34.10 51.14
CA GLY D 305 31.24 33.76 52.56
C GLY D 305 30.33 34.71 53.32
N LYS D 306 29.08 34.80 52.87
CA LYS D 306 28.09 35.68 53.49
C LYS D 306 27.44 35.02 54.71
N LYS D 307 27.08 33.75 54.57
CA LYS D 307 26.44 32.93 55.62
C LYS D 307 25.30 33.61 56.39
N LEU D 308 24.07 33.15 56.16
CA LEU D 308 22.93 33.72 56.89
C LEU D 308 22.85 33.03 58.23
N TRP D 309 21.98 33.54 59.09
CA TRP D 309 21.78 32.98 60.40
C TRP D 309 20.30 33.05 60.74
N THR D 310 19.87 32.34 61.77
CA THR D 310 18.48 32.35 62.16
C THR D 310 18.29 32.16 63.66
N ASP D 311 17.25 32.78 64.19
CA ASP D 311 16.90 32.69 65.60
C ASP D 311 16.37 31.30 65.85
N GLY D 312 15.55 30.84 64.91
CA GLY D 312 14.93 29.55 64.98
C GLY D 312 15.66 28.42 65.67
N ALA D 313 14.87 27.50 66.24
CA ALA D 313 15.38 26.34 66.93
C ALA D 313 15.88 25.37 65.87
N ASP D 314 16.69 24.39 66.30
CA ASP D 314 17.21 23.39 65.37
C ASP D 314 16.10 22.73 64.57
N GLY D 315 14.99 22.43 65.22
CA GLY D 315 13.89 21.79 64.55
C GLY D 315 14.21 20.32 64.29
N GLU D 316 13.32 19.64 63.60
CA GLU D 316 13.55 18.23 63.31
C GLU D 316 14.85 18.05 62.54
N PRO D 317 15.29 16.80 62.38
CA PRO D 317 16.52 16.59 61.62
C PRO D 317 16.14 16.48 60.15
N ILE D 318 17.12 16.22 59.31
CA ILE D 318 16.87 16.04 57.90
C ILE D 318 16.78 14.52 57.77
N SER D 319 15.70 14.04 57.19
CA SER D 319 15.54 12.61 57.03
C SER D 319 16.24 12.10 55.79
N LEU D 320 16.93 10.98 55.95
CA LEU D 320 17.65 10.36 54.86
C LEU D 320 17.23 8.90 54.78
N TYR D 321 16.50 8.56 53.74
CA TYR D 321 16.03 7.20 53.57
C TYR D 321 16.62 6.57 52.31
N CYS D 322 17.16 5.37 52.48
CA CYS D 322 17.75 4.62 51.38
C CYS D 322 16.71 3.62 50.90
N ALA D 323 16.04 3.93 49.80
CA ALA D 323 15.01 3.06 49.26
C ALA D 323 15.61 1.86 48.56
N PHE D 324 14.80 0.81 48.38
CA PHE D 324 15.26 -0.40 47.72
C PHE D 324 15.40 -0.12 46.23
N ASN D 325 14.46 0.65 45.68
CA ASN D 325 14.48 1.03 44.27
C ASN D 325 13.51 2.18 44.03
N GLU D 326 13.36 2.60 42.77
CA GLU D 326 12.48 3.73 42.48
C GLU D 326 11.02 3.61 42.90
N LEU D 327 10.51 2.40 43.02
CA LEU D 327 9.11 2.20 43.44
C LEU D 327 9.04 2.38 44.95
N ASP D 328 9.98 1.76 45.64
CA ASP D 328 10.02 1.88 47.08
C ASP D 328 10.24 3.34 47.46
N GLU D 329 10.92 4.08 46.59
CA GLU D 329 11.21 5.48 46.87
C GLU D 329 9.92 6.31 46.86
N ALA D 330 9.18 6.19 45.75
CA ALA D 330 7.93 6.92 45.58
C ALA D 330 6.98 6.56 46.70
N ARG D 331 6.86 5.26 46.97
CA ARG D 331 6.00 4.77 48.03
C ARG D 331 6.33 5.35 49.39
N PHE D 332 7.60 5.31 49.78
CA PHE D 332 8.00 5.85 51.08
C PHE D 332 7.68 7.36 51.18
N VAL D 333 7.83 8.08 50.08
CA VAL D 333 7.54 9.49 50.12
C VAL D 333 6.03 9.66 50.32
N VAL D 334 5.23 9.00 49.47
CA VAL D 334 3.79 9.09 49.59
C VAL D 334 3.35 8.68 50.99
N ASN D 335 4.10 7.78 51.59
CA ASN D 335 3.77 7.32 52.91
C ASN D 335 3.93 8.41 53.94
N ARG D 336 5.06 9.10 53.89
CA ARG D 336 5.32 10.14 54.86
C ARG D 336 4.42 11.37 54.72
N ILE D 337 3.88 11.56 53.52
CA ILE D 337 3.00 12.69 53.27
C ILE D 337 1.67 12.38 53.94
N LYS D 338 1.25 11.11 53.86
CA LYS D 338 0.00 10.67 54.48
C LYS D 338 0.05 11.00 55.97
N THR D 339 1.13 10.58 56.63
CA THR D 339 1.30 10.85 58.05
C THR D 339 1.10 12.34 58.28
N TRP D 340 1.78 13.15 57.48
CA TRP D 340 1.68 14.60 57.57
C TRP D 340 0.21 15.04 57.45
N GLN D 341 -0.51 14.45 56.51
CA GLN D 341 -1.91 14.76 56.29
C GLN D 341 -2.75 14.31 57.49
N ASP D 342 -2.59 13.05 57.89
CA ASP D 342 -3.35 12.51 59.02
C ASP D 342 -3.16 13.29 60.31
N ASN D 343 -2.12 14.10 60.38
CA ASN D 343 -1.92 14.89 61.59
C ASN D 343 -2.29 16.34 61.29
N GLY D 344 -3.17 16.51 60.31
CA GLY D 344 -3.65 17.82 59.94
C GLY D 344 -2.79 18.71 59.08
N GLY D 345 -1.95 18.12 58.24
CA GLY D 345 -1.11 18.92 57.37
C GLY D 345 -1.70 19.02 55.99
N ALA D 346 -1.46 20.11 55.30
CA ALA D 346 -2.00 20.25 53.96
C ALA D 346 -1.08 19.54 52.99
N LEU D 347 -1.66 18.91 51.98
CA LEU D 347 -0.89 18.22 50.97
C LEU D 347 -0.03 19.26 50.26
N ALA D 348 -0.64 20.40 49.94
CA ALA D 348 0.06 21.48 49.26
C ALA D 348 1.26 22.03 50.01
N GLU D 349 1.34 21.74 51.30
CA GLU D 349 2.48 22.19 52.10
C GLU D 349 3.63 21.20 51.94
N CYS D 350 3.46 20.27 51.01
CA CYS D 350 4.47 19.25 50.71
C CYS D 350 4.89 19.29 49.25
N ALA D 351 6.19 19.32 49.01
CA ALA D 351 6.69 19.34 47.66
C ALA D 351 7.64 18.18 47.44
N ILE D 352 7.56 17.59 46.27
CA ILE D 352 8.47 16.52 45.93
C ILE D 352 9.32 17.08 44.81
N LEU D 353 10.63 17.12 45.04
CA LEU D 353 11.54 17.67 44.07
C LEU D 353 12.51 16.64 43.47
N TYR D 354 12.71 16.76 42.16
CA TYR D 354 13.60 15.87 41.43
C TYR D 354 14.47 16.67 40.48
N ARG D 355 15.60 16.10 40.08
CA ARG D 355 16.52 16.79 39.18
C ARG D 355 16.02 16.90 37.75
N SER D 356 15.33 15.87 37.28
CA SER D 356 14.78 15.89 35.93
C SER D 356 13.37 15.36 35.95
N ASN D 357 12.54 15.88 35.05
CA ASN D 357 11.15 15.50 34.95
C ASN D 357 10.92 14.00 34.82
N ALA D 358 11.83 13.32 34.14
CA ALA D 358 11.69 11.87 33.96
C ALA D 358 11.38 11.14 35.27
N GLN D 359 11.85 11.69 36.37
CA GLN D 359 11.64 11.05 37.65
C GLN D 359 10.21 11.11 38.17
N SER D 360 9.39 11.98 37.58
CA SER D 360 8.02 12.17 38.04
C SER D 360 7.04 11.05 37.73
N ARG D 361 7.27 10.30 36.66
CA ARG D 361 6.36 9.23 36.31
C ARG D 361 6.13 8.23 37.45
N VAL D 362 7.22 7.72 38.01
CA VAL D 362 7.10 6.76 39.08
C VAL D 362 6.40 7.31 40.30
N LEU D 363 6.62 8.59 40.60
CA LEU D 363 6.00 9.24 41.75
C LEU D 363 4.51 9.39 41.49
N GLU D 364 4.20 9.80 40.27
CA GLU D 364 2.84 10.02 39.83
C GLU D 364 2.00 8.76 40.05
N GLU D 365 2.55 7.63 39.64
CA GLU D 365 1.84 6.37 39.78
C GLU D 365 1.65 5.97 41.24
N ALA D 366 2.61 6.29 42.11
CA ALA D 366 2.47 5.93 43.52
C ALA D 366 1.40 6.80 44.16
N LEU D 367 1.39 8.08 43.78
CA LEU D 367 0.41 9.01 44.31
C LEU D 367 -0.98 8.55 43.89
N LEU D 368 -1.15 8.19 42.61
CA LEU D 368 -2.43 7.70 42.09
C LEU D 368 -2.81 6.45 42.87
N GLN D 369 -1.85 5.54 42.96
CA GLN D 369 -2.04 4.28 43.65
C GLN D 369 -2.36 4.45 45.13
N ALA D 370 -2.45 5.69 45.61
CA ALA D 370 -2.78 5.93 47.02
C ALA D 370 -3.88 6.97 47.10
N SER D 371 -4.47 7.29 45.95
CA SER D 371 -5.54 8.26 45.86
C SER D 371 -5.20 9.61 46.46
N MET D 372 -3.91 9.95 46.46
CA MET D 372 -3.44 11.22 46.99
C MET D 372 -3.38 12.22 45.85
N PRO D 373 -4.08 13.36 45.97
CA PRO D 373 -4.12 14.42 44.95
C PRO D 373 -2.76 15.12 44.80
N TYR D 374 -2.43 15.54 43.59
CA TYR D 374 -1.14 16.19 43.35
C TYR D 374 -1.09 17.04 42.08
N ARG D 375 -0.08 17.88 41.99
CA ARG D 375 0.11 18.74 40.82
C ARG D 375 1.55 18.67 40.33
N ILE D 376 1.73 18.26 39.08
CA ILE D 376 3.06 18.20 38.53
C ILE D 376 3.22 19.44 37.69
N TYR D 377 4.16 20.30 38.07
CA TYR D 377 4.38 21.51 37.31
C TYR D 377 5.37 21.26 36.22
N GLY D 378 4.84 20.84 35.08
CA GLY D 378 5.65 20.60 33.93
C GLY D 378 5.49 21.87 33.12
N GLY D 379 4.95 22.90 33.77
CA GLY D 379 4.72 24.20 33.18
C GLY D 379 4.73 24.29 31.66
N MET D 380 3.54 24.22 31.05
CA MET D 380 3.40 24.26 29.60
C MET D 380 3.92 22.95 29.01
N ARG D 381 3.26 21.86 29.38
CA ARG D 381 3.61 20.52 28.93
C ARG D 381 2.36 19.81 28.44
N PHE D 382 1.20 20.26 28.93
CA PHE D 382 -0.07 19.68 28.52
C PHE D 382 -0.20 19.88 27.02
N PHE D 383 0.26 21.03 26.56
CA PHE D 383 0.19 21.36 25.15
C PHE D 383 1.33 20.75 24.37
N GLU D 384 2.01 19.78 24.98
CA GLU D 384 3.11 19.11 24.31
C GLU D 384 2.55 17.78 23.81
N ARG D 385 1.63 17.23 24.60
CA ARG D 385 0.99 15.96 24.27
C ARG D 385 0.54 15.92 22.81
N GLN D 386 0.99 14.87 22.12
CA GLN D 386 0.68 14.66 20.72
C GLN D 386 -0.70 15.18 20.31
N GLU D 387 -1.73 14.60 20.89
CA GLU D 387 -3.11 14.97 20.58
C GLU D 387 -3.43 16.45 20.69
N ILE D 388 -2.87 17.12 21.70
CA ILE D 388 -3.12 18.54 21.86
C ILE D 388 -2.40 19.38 20.82
N LYS D 389 -1.14 19.05 20.56
CA LYS D 389 -0.39 19.77 19.55
C LYS D 389 -1.09 19.66 18.20
N ASP D 390 -1.69 18.50 17.94
CA ASP D 390 -2.40 18.26 16.68
C ASP D 390 -3.64 19.14 16.60
N ALA D 391 -4.49 19.04 17.60
CA ALA D 391 -5.71 19.85 17.64
C ALA D 391 -5.40 21.33 17.47
N LEU D 392 -4.46 21.83 18.26
CA LEU D 392 -4.07 23.23 18.21
C LEU D 392 -3.43 23.61 16.89
N SER D 393 -3.04 22.63 16.10
CA SER D 393 -2.43 22.91 14.81
C SER D 393 -3.44 23.28 13.74
N TYR D 394 -4.63 22.67 13.77
CA TYR D 394 -5.65 23.02 12.80
C TYR D 394 -6.02 24.46 13.06
N LEU D 395 -6.23 24.77 14.34
CA LEU D 395 -6.58 26.11 14.75
C LEU D 395 -5.56 27.09 14.21
N ARG D 396 -4.28 26.79 14.41
CA ARG D 396 -3.21 27.67 13.94
C ARG D 396 -3.29 27.94 12.45
N LEU D 397 -3.57 26.90 11.66
CA LEU D 397 -3.69 27.06 10.21
C LEU D 397 -4.87 27.98 9.91
N ILE D 398 -5.95 27.76 10.64
CA ILE D 398 -7.16 28.56 10.48
C ILE D 398 -6.80 30.02 10.70
N VAL D 399 -5.82 30.26 11.57
CA VAL D 399 -5.36 31.62 11.89
C VAL D 399 -4.39 32.13 10.85
N ASN D 400 -3.65 31.21 10.24
CA ASN D 400 -2.66 31.54 9.22
C ASN D 400 -2.19 30.27 8.53
N ARG D 401 -2.24 30.28 7.19
CA ARG D 401 -1.85 29.13 6.40
C ARG D 401 -0.33 28.96 6.34
N ASN D 402 0.39 30.05 6.60
CA ASN D 402 1.84 30.05 6.55
C ASN D 402 2.52 29.38 7.75
N ASP D 403 1.72 28.85 8.67
CA ASP D 403 2.25 28.19 9.86
C ASP D 403 2.84 26.83 9.42
N ASP D 404 3.97 26.89 8.74
CA ASP D 404 4.63 25.68 8.26
C ASP D 404 4.59 24.59 9.32
N ALA D 405 5.01 24.95 10.53
CA ALA D 405 5.04 24.01 11.67
C ALA D 405 3.70 23.30 11.82
N ALA D 406 2.63 24.06 11.65
CA ALA D 406 1.28 23.52 11.77
C ALA D 406 0.91 22.73 10.52
N PHE D 407 1.20 23.31 9.36
CA PHE D 407 0.89 22.67 8.09
C PHE D 407 1.46 21.26 8.07
N GLU D 408 2.69 21.13 8.55
CA GLU D 408 3.37 19.86 8.60
C GLU D 408 2.76 18.84 9.54
N ARG D 409 2.43 19.29 10.75
CA ARG D 409 1.89 18.39 11.75
C ARG D 409 0.57 17.69 11.42
N VAL D 410 -0.24 18.29 10.57
CA VAL D 410 -1.52 17.66 10.28
C VAL D 410 -1.91 17.51 8.81
N VAL D 411 -1.08 17.99 7.91
CA VAL D 411 -1.39 17.86 6.48
C VAL D 411 -1.83 16.43 6.20
N ASN D 412 -1.20 15.46 6.87
CA ASN D 412 -1.55 14.05 6.70
C ASN D 412 -1.84 13.39 8.05
N THR D 413 -2.59 14.08 8.89
CA THR D 413 -2.96 13.57 10.20
C THR D 413 -4.34 14.11 10.56
N PRO D 414 -5.35 13.24 10.61
CA PRO D 414 -5.21 11.80 10.32
C PRO D 414 -4.85 11.56 8.86
N THR D 415 -4.32 10.38 8.57
CA THR D 415 -3.92 10.02 7.20
C THR D 415 -5.01 10.31 6.19
N ARG D 416 -4.64 10.97 5.10
CA ARG D 416 -5.59 11.30 4.05
C ARG D 416 -4.87 11.29 2.71
N GLY D 417 -4.15 10.21 2.45
CA GLY D 417 -3.43 10.09 1.19
C GLY D 417 -2.06 10.75 1.23
N ILE D 418 -2.07 12.08 1.17
CA ILE D 418 -0.84 12.90 1.18
C ILE D 418 0.31 12.24 1.95
N GLY D 419 1.16 11.51 1.22
CA GLY D 419 2.29 10.83 1.84
C GLY D 419 3.61 11.54 1.67
N ASP D 420 4.69 10.92 2.14
CA ASP D 420 6.02 11.52 2.06
C ASP D 420 6.41 12.02 0.68
N ARG D 421 6.28 11.15 -0.32
CA ARG D 421 6.64 11.52 -1.69
C ARG D 421 6.02 12.86 -2.06
N THR D 422 4.69 12.90 -2.04
CA THR D 422 3.96 14.10 -2.38
C THR D 422 4.51 15.34 -1.68
N LEU D 423 4.90 15.17 -0.42
CA LEU D 423 5.42 16.28 0.38
C LEU D 423 6.84 16.71 0.04
N ASP D 424 7.75 15.76 -0.15
CA ASP D 424 9.14 16.10 -0.49
C ASP D 424 9.13 17.06 -1.67
N VAL D 425 8.10 16.92 -2.51
CA VAL D 425 7.93 17.77 -3.68
C VAL D 425 7.54 19.17 -3.22
N VAL D 426 6.52 19.23 -2.37
CA VAL D 426 6.04 20.50 -1.83
C VAL D 426 7.16 21.19 -1.06
N ARG D 427 7.80 20.45 -0.16
CA ARG D 427 8.88 21.01 0.65
C ARG D 427 9.91 21.66 -0.27
N GLN D 428 10.43 20.86 -1.21
CA GLN D 428 11.42 21.33 -2.16
C GLN D 428 10.95 22.59 -2.86
N THR D 429 9.68 22.64 -3.21
CA THR D 429 9.12 23.80 -3.88
C THR D 429 9.32 25.03 -3.00
N SER D 430 9.01 24.87 -1.72
CA SER D 430 9.16 25.97 -0.77
C SER D 430 10.63 26.38 -0.69
N ARG D 431 11.50 25.37 -0.57
CA ARG D 431 12.93 25.61 -0.49
C ARG D 431 13.43 26.38 -1.72
N ASP D 432 13.10 25.87 -2.91
CA ASP D 432 13.52 26.48 -4.17
C ASP D 432 12.88 27.81 -4.54
N ARG D 433 11.56 27.93 -4.36
CA ARG D 433 10.87 29.17 -4.70
C ARG D 433 10.68 30.09 -3.50
N GLN D 434 11.35 29.78 -2.39
CA GLN D 434 11.24 30.58 -1.16
C GLN D 434 9.78 30.88 -0.81
N LEU D 435 9.00 29.83 -0.55
CA LEU D 435 7.60 29.99 -0.22
C LEU D 435 7.23 29.18 1.02
N THR D 436 6.03 29.44 1.54
CA THR D 436 5.55 28.72 2.70
C THR D 436 4.98 27.41 2.16
N LEU D 437 5.07 26.34 2.96
CA LEU D 437 4.56 25.03 2.54
C LEU D 437 3.20 25.13 1.88
N TRP D 438 2.38 26.03 2.37
CA TRP D 438 1.05 26.21 1.80
C TRP D 438 1.17 27.00 0.51
N GLN D 439 2.08 27.96 0.49
CA GLN D 439 2.28 28.77 -0.69
C GLN D 439 2.70 27.89 -1.87
N ALA D 440 3.57 26.92 -1.58
CA ALA D 440 4.04 25.99 -2.62
C ALA D 440 2.88 25.15 -3.15
N CYS D 441 2.05 24.64 -2.24
CA CYS D 441 0.91 23.83 -2.64
C CYS D 441 -0.01 24.66 -3.53
N ARG D 442 -0.23 25.90 -3.11
CA ARG D 442 -1.07 26.82 -3.87
C ARG D 442 -0.66 26.73 -5.34
N GLU D 443 0.62 26.96 -5.61
CA GLU D 443 1.17 26.93 -6.96
C GLU D 443 1.17 25.56 -7.64
N LEU D 444 1.86 24.59 -7.05
CA LEU D 444 1.94 23.25 -7.63
C LEU D 444 0.59 22.69 -8.09
N LEU D 445 -0.51 23.20 -7.50
CA LEU D 445 -1.83 22.76 -7.88
C LEU D 445 -2.27 23.45 -9.16
N GLN D 446 -2.13 24.77 -9.19
CA GLN D 446 -2.50 25.56 -10.35
C GLN D 446 -1.37 25.45 -11.38
N GLU D 447 -0.67 24.32 -11.35
CA GLU D 447 0.45 24.04 -12.26
C GLU D 447 0.40 22.57 -12.68
N LYS D 448 -0.59 21.85 -12.16
CA LYS D 448 -0.79 20.43 -12.45
C LYS D 448 0.38 19.51 -12.15
N ALA D 449 1.56 20.09 -11.89
CA ALA D 449 2.77 19.32 -11.60
C ALA D 449 2.55 18.07 -10.75
N LEU D 450 1.60 18.12 -9.82
CA LEU D 450 1.32 16.98 -8.95
C LEU D 450 0.64 15.84 -9.72
N ALA D 451 0.79 14.62 -9.20
CA ALA D 451 0.21 13.44 -9.84
C ALA D 451 -1.31 13.47 -9.91
N GLY D 452 -1.91 12.31 -10.14
CA GLY D 452 -3.35 12.23 -10.23
C GLY D 452 -4.02 12.31 -8.87
N ARG D 453 -4.25 11.16 -8.25
CA ARG D 453 -4.87 11.10 -6.94
C ARG D 453 -4.10 11.95 -5.94
N ALA D 454 -2.93 12.41 -6.37
CA ALA D 454 -2.08 13.25 -5.54
C ALA D 454 -2.64 14.66 -5.42
N ALA D 455 -2.52 15.43 -6.50
CA ALA D 455 -3.02 16.80 -6.51
C ALA D 455 -4.49 16.88 -6.06
N SER D 456 -5.16 15.74 -6.01
CA SER D 456 -6.56 15.69 -5.60
C SER D 456 -6.69 15.48 -4.10
N ALA D 457 -5.70 14.80 -3.52
CA ALA D 457 -5.70 14.58 -2.08
C ALA D 457 -5.31 15.89 -1.42
N LEU D 458 -4.34 16.60 -2.01
CA LEU D 458 -3.90 17.88 -1.48
C LEU D 458 -5.02 18.91 -1.61
N GLN D 459 -5.71 18.88 -2.74
CA GLN D 459 -6.82 19.81 -2.99
C GLN D 459 -7.87 19.63 -1.91
N ARG D 460 -8.23 18.37 -1.65
CA ARG D 460 -9.23 18.06 -0.63
C ARG D 460 -8.85 18.75 0.67
N PHE D 461 -7.64 18.46 1.16
CA PHE D 461 -7.12 19.03 2.39
C PHE D 461 -7.30 20.54 2.45
N MET D 462 -6.61 21.24 1.56
CA MET D 462 -6.68 22.71 1.51
C MET D 462 -8.10 23.25 1.48
N GLU D 463 -9.04 22.46 0.95
CA GLU D 463 -10.44 22.86 0.88
C GLU D 463 -10.99 22.78 2.30
N LEU D 464 -10.53 21.77 3.01
CA LEU D 464 -10.92 21.49 4.38
C LEU D 464 -10.46 22.59 5.34
N ILE D 465 -9.16 22.87 5.34
CA ILE D 465 -8.60 23.91 6.20
C ILE D 465 -9.37 25.20 6.01
N ASP D 466 -9.53 25.64 4.75
CA ASP D 466 -10.26 26.87 4.46
C ASP D 466 -11.72 26.74 4.87
N ALA D 467 -12.24 25.51 4.80
CA ALA D 467 -13.63 25.22 5.14
C ALA D 467 -13.94 25.46 6.61
N LEU D 468 -13.02 25.05 7.48
CA LEU D 468 -13.20 25.23 8.91
C LEU D 468 -12.97 26.69 9.29
N ALA D 469 -12.18 27.38 8.48
CA ALA D 469 -11.87 28.80 8.72
C ALA D 469 -13.09 29.67 8.42
N GLN D 470 -14.15 29.04 7.92
CA GLN D 470 -15.38 29.73 7.58
C GLN D 470 -16.43 29.39 8.63
N GLU D 471 -16.61 28.10 8.84
CA GLU D 471 -17.58 27.56 9.78
C GLU D 471 -17.43 28.07 11.22
N THR D 472 -16.20 28.40 11.62
CA THR D 472 -15.97 28.88 12.97
C THR D 472 -15.43 30.30 13.02
N ALA D 473 -15.63 31.05 11.94
CA ALA D 473 -15.17 32.43 11.89
C ALA D 473 -16.03 33.33 12.77
N ASP D 474 -16.99 32.73 13.47
CA ASP D 474 -17.90 33.44 14.36
C ASP D 474 -17.86 32.85 15.76
N MET D 475 -17.80 31.52 15.82
CA MET D 475 -17.78 30.77 17.07
C MET D 475 -16.70 31.18 18.07
N PRO D 476 -17.02 31.14 19.37
CA PRO D 476 -16.08 31.49 20.44
C PRO D 476 -15.03 30.38 20.64
N LEU D 477 -13.78 30.78 20.87
CA LEU D 477 -12.67 29.85 21.07
C LEU D 477 -13.02 28.55 21.80
N HIS D 478 -13.99 28.63 22.70
CA HIS D 478 -14.39 27.46 23.48
C HIS D 478 -15.20 26.46 22.65
N VAL D 479 -15.96 26.96 21.68
CA VAL D 479 -16.77 26.06 20.83
C VAL D 479 -16.06 25.79 19.51
N GLN D 480 -15.25 26.74 19.06
CA GLN D 480 -14.50 26.57 17.81
C GLN D 480 -13.50 25.44 17.98
N THR D 481 -12.86 25.40 19.15
CA THR D 481 -11.90 24.36 19.45
C THR D 481 -12.62 23.01 19.57
N ASP D 482 -13.95 23.05 19.61
CA ASP D 482 -14.74 21.84 19.72
C ASP D 482 -15.05 21.31 18.32
N ARG D 483 -15.57 22.19 17.47
CA ARG D 483 -15.90 21.83 16.09
C ARG D 483 -14.65 21.31 15.37
N VAL D 484 -13.65 22.16 15.24
CA VAL D 484 -12.42 21.79 14.55
C VAL D 484 -11.95 20.38 14.95
N ILE D 485 -11.92 20.10 16.24
CA ILE D 485 -11.48 18.79 16.73
C ILE D 485 -12.26 17.63 16.13
N LYS D 486 -13.56 17.80 15.95
CA LYS D 486 -14.37 16.73 15.39
C LYS D 486 -14.32 16.74 13.86
N ASP D 487 -14.37 17.93 13.28
CA ASP D 487 -14.36 18.07 11.83
C ASP D 487 -13.03 17.85 11.13
N SER D 488 -12.03 17.39 11.87
CA SER D 488 -10.73 17.11 11.28
C SER D 488 -10.55 15.60 11.37
N GLY D 489 -11.43 14.98 12.14
CA GLY D 489 -11.38 13.55 12.30
C GLY D 489 -10.42 13.15 13.41
N LEU D 490 -9.80 14.13 14.05
CA LEU D 490 -8.87 13.86 15.14
C LEU D 490 -9.53 12.99 16.22
N ARG D 491 -10.80 13.24 16.48
CA ARG D 491 -11.55 12.45 17.47
C ARG D 491 -11.64 11.03 16.96
N THR D 492 -12.30 10.88 15.81
CA THR D 492 -12.49 9.58 15.17
C THR D 492 -11.19 8.80 15.11
N MET D 493 -10.13 9.47 14.66
CA MET D 493 -8.82 8.84 14.52
C MET D 493 -8.17 8.41 15.83
N TYR D 494 -8.37 9.19 16.89
CA TYR D 494 -7.78 8.82 18.18
C TYR D 494 -8.55 7.70 18.85
N GLU D 495 -9.86 7.88 19.00
CA GLU D 495 -10.71 6.86 19.63
C GLU D 495 -10.26 5.47 19.20
N GLN D 496 -10.47 5.16 17.93
CA GLN D 496 -10.10 3.87 17.38
C GLN D 496 -8.60 3.73 17.24
N GLU D 497 -7.91 3.57 18.38
CA GLU D 497 -6.45 3.42 18.39
C GLU D 497 -6.03 2.31 19.36
N LYS D 498 -6.94 1.91 20.24
CA LYS D 498 -6.72 0.87 21.24
C LYS D 498 -5.75 1.26 22.34
N GLY D 499 -4.48 0.88 22.19
CA GLY D 499 -3.45 1.19 23.16
C GLY D 499 -3.93 1.78 24.48
N GLN D 503 -7.35 6.75 24.28
CA GLN D 503 -8.41 6.79 25.27
C GLN D 503 -8.18 7.93 26.24
N THR D 504 -7.23 7.74 27.15
CA THR D 504 -6.90 8.77 28.12
C THR D 504 -6.45 9.93 27.25
N ARG D 505 -5.94 9.56 26.08
CA ARG D 505 -5.45 10.50 25.07
C ARG D 505 -6.54 11.44 24.56
N ILE D 506 -7.74 10.89 24.38
CA ILE D 506 -8.88 11.68 23.90
C ILE D 506 -9.52 12.52 25.00
N GLU D 507 -9.37 12.08 26.25
CA GLU D 507 -9.92 12.82 27.38
C GLU D 507 -9.31 14.22 27.42
N ASN D 508 -8.00 14.28 27.17
CA ASN D 508 -7.26 15.54 27.17
C ASN D 508 -7.78 16.50 26.12
N LEU D 509 -8.17 15.97 24.97
CA LEU D 509 -8.71 16.80 23.90
C LEU D 509 -9.98 17.47 24.41
N GLU D 510 -10.83 16.70 25.07
CA GLU D 510 -12.08 17.23 25.61
C GLU D 510 -11.78 18.26 26.69
N GLU D 511 -10.72 18.03 27.45
CA GLU D 511 -10.34 18.96 28.52
C GLU D 511 -9.80 20.24 27.90
N LEU D 512 -9.11 20.12 26.77
CA LEU D 512 -8.58 21.27 26.07
C LEU D 512 -9.77 22.15 25.73
N VAL D 513 -10.88 21.50 25.40
CA VAL D 513 -12.12 22.18 25.05
C VAL D 513 -12.57 23.02 26.25
N THR D 514 -12.54 22.40 27.42
CA THR D 514 -12.95 23.05 28.65
C THR D 514 -11.97 24.16 29.03
N ALA D 515 -10.68 23.90 28.85
CA ALA D 515 -9.67 24.90 29.17
C ALA D 515 -9.96 26.15 28.36
N THR D 516 -10.09 25.98 27.05
CA THR D 516 -10.37 27.11 26.16
C THR D 516 -11.72 27.71 26.54
N ARG D 517 -12.58 26.86 27.07
CA ARG D 517 -13.92 27.25 27.51
C ARG D 517 -13.85 28.26 28.64
N GLN D 518 -13.14 27.90 29.71
CA GLN D 518 -13.02 28.77 30.86
C GLN D 518 -11.71 29.54 30.92
N PHE D 519 -11.44 30.32 29.86
CA PHE D 519 -10.24 31.13 29.75
C PHE D 519 -10.64 32.62 29.75
N SER D 520 -9.79 33.46 30.32
CA SER D 520 -10.02 34.91 30.42
C SER D 520 -10.83 35.45 29.24
N LEU D 528 -5.80 39.55 17.93
CA LEU D 528 -6.95 39.65 18.82
C LEU D 528 -6.77 38.78 20.06
N MET D 529 -7.88 38.34 20.64
CA MET D 529 -7.85 37.51 21.83
C MET D 529 -7.50 36.08 21.44
N PRO D 530 -8.52 35.22 21.38
CA PRO D 530 -8.37 33.81 21.02
C PRO D 530 -7.00 33.48 20.48
N LEU D 531 -6.61 34.19 19.41
CA LEU D 531 -5.32 34.01 18.76
C LEU D 531 -4.28 33.39 19.70
N GLN D 532 -3.37 34.19 20.21
CA GLN D 532 -2.36 33.68 21.14
C GLN D 532 -2.94 33.60 22.53
N ALA D 533 -3.48 34.73 22.98
CA ALA D 533 -4.10 34.90 24.30
C ALA D 533 -4.29 33.59 25.05
N PHE D 534 -4.78 32.57 24.36
CA PHE D 534 -4.99 31.27 24.99
C PHE D 534 -3.70 30.48 25.18
N LEU D 535 -3.17 29.95 24.08
CA LEU D 535 -1.94 29.14 24.13
C LEU D 535 -0.91 29.76 25.08
N SER D 536 -0.97 31.08 25.23
CA SER D 536 -0.06 31.80 26.12
C SER D 536 -0.44 31.50 27.56
N HIS D 537 -1.01 32.50 28.24
CA HIS D 537 -1.42 32.37 29.63
C HIS D 537 -1.89 30.96 29.97
N ALA D 538 -1.08 30.26 30.77
CA ALA D 538 -1.39 28.89 31.18
C ALA D 538 -0.26 28.32 32.02
N ASP D 548 -8.29 26.89 39.33
CA ASP D 548 -8.45 25.49 39.69
C ASP D 548 -7.33 25.01 40.63
N THR D 549 -6.93 25.89 41.55
CA THR D 549 -5.87 25.58 42.50
C THR D 549 -6.41 25.29 43.91
N TRP D 550 -7.69 25.60 44.13
CA TRP D 550 -8.32 25.41 45.42
C TRP D 550 -8.18 24.02 46.06
N GLN D 551 -8.10 22.96 45.24
CA GLN D 551 -7.98 21.59 45.74
C GLN D 551 -6.61 21.36 46.36
N ASP D 552 -6.60 20.92 47.61
CA ASP D 552 -5.34 20.65 48.31
C ASP D 552 -4.64 19.51 47.60
N ALA D 553 -3.37 19.71 47.27
CA ALA D 553 -2.61 18.66 46.56
C ALA D 553 -1.10 18.73 46.74
N VAL D 554 -0.45 17.58 46.61
CA VAL D 554 1.00 17.48 46.74
C VAL D 554 1.63 18.17 45.53
N GLN D 555 2.73 18.88 45.76
CA GLN D 555 3.42 19.62 44.72
C GLN D 555 4.63 18.88 44.16
N LEU D 556 4.62 18.62 42.86
CA LEU D 556 5.73 17.92 42.22
C LEU D 556 6.36 18.83 41.18
N MET D 557 7.68 19.01 41.27
CA MET D 557 8.38 19.85 40.29
C MET D 557 9.89 19.64 40.29
N THR D 558 10.55 20.10 39.24
CA THR D 558 12.00 19.98 39.17
C THR D 558 12.62 20.94 40.18
N LEU D 559 13.83 20.63 40.64
CA LEU D 559 14.51 21.50 41.60
C LEU D 559 14.67 22.91 41.03
N HIS D 560 14.81 23.00 39.71
CA HIS D 560 14.96 24.30 39.07
C HIS D 560 13.71 25.14 39.24
N SER D 561 12.55 24.54 39.00
CA SER D 561 11.29 25.28 39.14
C SER D 561 10.98 25.69 40.57
N ALA D 562 11.46 24.93 41.54
CA ALA D 562 11.22 25.23 42.93
C ALA D 562 11.85 26.54 43.42
N LYS D 563 12.89 27.03 42.75
CA LYS D 563 13.56 28.27 43.20
C LYS D 563 12.61 29.44 43.37
N GLY D 564 12.69 30.08 44.53
CA GLY D 564 11.82 31.19 44.84
C GLY D 564 10.68 30.70 45.72
N LEU D 565 10.37 29.41 45.63
CA LEU D 565 9.30 28.84 46.40
C LEU D 565 9.80 28.31 47.72
N GLU D 566 8.87 27.93 48.58
CA GLU D 566 9.18 27.36 49.89
C GLU D 566 8.02 26.46 50.30
N PHE D 567 8.30 25.44 51.11
CA PHE D 567 7.26 24.52 51.53
C PHE D 567 7.60 23.96 52.89
N PRO D 568 6.57 23.72 53.74
CA PRO D 568 6.74 23.20 55.08
C PRO D 568 7.45 21.84 55.07
N GLN D 569 7.04 20.97 54.15
CA GLN D 569 7.64 19.62 53.99
C GLN D 569 8.27 19.48 52.61
N VAL D 570 9.55 19.14 52.58
CA VAL D 570 10.23 18.98 51.31
C VAL D 570 10.90 17.62 51.16
N PHE D 571 10.64 16.98 50.02
CA PHE D 571 11.26 15.69 49.73
C PHE D 571 12.02 15.82 48.42
N ILE D 572 13.31 15.51 48.45
CA ILE D 572 14.11 15.57 47.23
C ILE D 572 14.48 14.13 46.88
N VAL D 573 14.00 13.65 45.73
CA VAL D 573 14.29 12.28 45.33
C VAL D 573 15.46 12.11 44.37
N GLY D 574 15.95 10.88 44.27
CA GLY D 574 17.05 10.55 43.38
C GLY D 574 18.39 11.13 43.77
N MET D 575 18.67 11.15 45.07
CA MET D 575 19.94 11.69 45.56
C MET D 575 21.02 10.65 45.37
N GLU D 576 21.39 10.46 44.12
CA GLU D 576 22.40 9.51 43.74
C GLU D 576 23.28 10.02 42.58
N GLU D 577 24.56 9.69 42.64
CA GLU D 577 25.54 10.07 41.60
C GLU D 577 25.13 9.58 40.21
N GLY D 578 24.81 10.50 39.32
CA GLY D 578 24.39 10.10 38.00
C GLY D 578 23.01 10.64 37.77
N MET D 579 22.32 10.94 38.87
CA MET D 579 20.98 11.51 38.85
C MET D 579 21.16 12.97 39.29
N PHE D 580 21.69 13.14 40.49
CA PHE D 580 21.93 14.46 41.02
C PHE D 580 23.14 14.31 41.96
N PRO D 581 24.33 14.73 41.51
CA PRO D 581 24.65 15.32 40.21
C PRO D 581 24.36 14.46 39.00
N SER D 582 23.72 15.06 38.00
CA SER D 582 23.39 14.36 36.78
C SER D 582 24.68 13.81 36.16
N GLN D 583 24.53 12.90 35.20
CA GLN D 583 25.67 12.30 34.54
C GLN D 583 26.37 13.32 33.66
N MET D 584 25.58 14.09 32.92
CA MET D 584 26.12 15.12 32.03
C MET D 584 27.11 15.95 32.84
N SER D 585 26.63 16.56 33.91
CA SER D 585 27.46 17.37 34.77
C SER D 585 28.70 16.61 35.21
N LEU D 586 28.52 15.33 35.54
CA LEU D 586 29.66 14.51 35.95
C LEU D 586 30.65 14.33 34.82
N ASP D 587 30.15 13.99 33.64
CA ASP D 587 30.99 13.80 32.47
C ASP D 587 31.81 15.07 32.20
N GLU D 588 31.21 16.08 31.58
CA GLU D 588 31.91 17.34 31.32
C GLU D 588 32.20 18.03 32.66
N GLY D 589 33.00 17.34 33.47
CA GLY D 589 33.38 17.80 34.80
C GLY D 589 33.71 19.28 35.01
N GLY D 590 32.68 20.11 34.98
CA GLY D 590 32.87 21.54 35.18
C GLY D 590 31.58 22.15 35.66
N ARG D 591 30.48 21.42 35.44
CA ARG D 591 29.14 21.86 35.83
C ARG D 591 28.77 21.40 37.23
N LEU D 592 29.74 20.88 37.96
CA LEU D 592 29.53 20.36 39.31
C LEU D 592 29.26 21.40 40.43
N GLU D 593 29.89 22.57 40.35
CA GLU D 593 29.64 23.55 41.39
C GLU D 593 28.24 24.10 41.21
N GLU D 594 27.70 23.96 39.99
CA GLU D 594 26.37 24.44 39.67
C GLU D 594 25.37 23.41 40.19
N GLU D 595 25.71 22.12 40.07
CA GLU D 595 24.82 21.08 40.58
C GLU D 595 24.76 21.28 42.09
N ARG D 596 25.90 21.58 42.71
CA ARG D 596 25.90 21.79 44.14
C ARG D 596 25.09 23.03 44.50
N ARG D 597 25.05 24.00 43.60
CA ARG D 597 24.26 25.20 43.87
C ARG D 597 22.77 24.86 43.77
N LEU D 598 22.44 23.95 42.85
CA LEU D 598 21.06 23.50 42.69
C LEU D 598 20.69 22.73 43.93
N ALA D 599 21.66 22.00 44.49
CA ALA D 599 21.40 21.24 45.71
C ALA D 599 21.02 22.25 46.77
N TYR D 600 21.84 23.28 46.88
CA TYR D 600 21.63 24.36 47.84
C TYR D 600 20.20 24.88 47.69
N VAL D 601 19.77 25.12 46.46
CA VAL D 601 18.42 25.60 46.23
C VAL D 601 17.46 24.61 46.87
N GLY D 602 17.53 23.36 46.40
CA GLY D 602 16.69 22.30 46.92
C GLY D 602 16.63 22.31 48.43
N VAL D 603 17.78 22.24 49.09
CA VAL D 603 17.78 22.23 50.56
C VAL D 603 17.09 23.45 51.19
N THR D 604 17.45 24.65 50.75
CA THR D 604 16.89 25.86 51.33
C THR D 604 15.40 26.09 51.08
N ARG D 605 14.77 25.18 50.35
CA ARG D 605 13.33 25.23 50.04
C ARG D 605 12.52 24.73 51.23
N ALA D 606 13.09 23.85 52.04
CA ALA D 606 12.39 23.26 53.18
C ALA D 606 12.21 24.24 54.30
N MET D 607 11.02 24.24 54.90
CA MET D 607 10.72 25.15 56.00
C MET D 607 10.85 24.44 57.34
N GLN D 608 10.11 23.35 57.52
CA GLN D 608 10.15 22.59 58.76
C GLN D 608 10.96 21.31 58.63
N LYS D 609 10.57 20.51 57.65
CA LYS D 609 11.18 19.21 57.41
C LYS D 609 11.76 18.99 56.03
N LEU D 610 12.98 18.44 55.99
CA LEU D 610 13.62 18.11 54.73
C LEU D 610 13.93 16.61 54.73
N THR D 611 13.61 15.95 53.62
CA THR D 611 13.85 14.52 53.48
C THR D 611 14.47 14.26 52.13
N LEU D 612 15.57 13.50 52.13
CA LEU D 612 16.29 13.15 50.92
C LEU D 612 16.25 11.65 50.80
N THR D 613 15.94 11.16 49.61
CA THR D 613 15.87 9.72 49.38
C THR D 613 16.71 9.35 48.18
N TYR D 614 17.17 8.10 48.15
CA TYR D 614 17.96 7.57 47.06
C TYR D 614 17.75 6.05 47.01
N ALA D 615 17.79 5.49 45.80
CA ALA D 615 17.56 4.06 45.57
C ALA D 615 18.85 3.28 45.37
N GLU D 616 18.94 2.09 45.97
CA GLU D 616 20.13 1.27 45.79
C GLU D 616 20.16 0.87 44.33
N THR D 617 18.99 0.70 43.73
CA THR D 617 18.94 0.35 42.32
C THR D 617 17.68 0.88 41.65
N ARG D 618 17.82 1.34 40.42
CA ARG D 618 16.68 1.82 39.64
C ARG D 618 16.96 1.28 38.27
N ARG D 619 15.98 1.35 37.38
CA ARG D 619 16.17 0.80 36.04
C ARG D 619 16.14 1.89 34.99
N LEU D 620 17.27 2.08 34.33
CA LEU D 620 17.40 3.11 33.31
C LEU D 620 17.89 2.54 31.97
N TYR D 621 17.20 2.94 30.91
CA TYR D 621 17.52 2.46 29.58
C TYR D 621 17.52 0.94 29.64
N GLY D 622 16.46 0.41 30.23
CA GLY D 622 16.30 -1.03 30.35
C GLY D 622 17.59 -1.67 30.76
N LYS D 623 17.93 -1.52 32.03
CA LYS D 623 19.16 -2.07 32.59
C LYS D 623 19.13 -1.64 34.04
N GLU D 624 19.40 -2.58 34.94
CA GLU D 624 19.43 -2.25 36.36
C GLU D 624 20.77 -1.61 36.64
N VAL D 625 20.76 -0.48 37.34
CA VAL D 625 22.00 0.18 37.67
C VAL D 625 22.00 0.35 39.17
N TYR D 626 23.19 0.47 39.77
CA TYR D 626 23.32 0.66 41.20
C TYR D 626 24.18 1.89 41.43
N HIS D 627 23.56 3.07 41.31
CA HIS D 627 24.20 4.36 41.50
C HIS D 627 24.81 4.50 42.90
N ARG D 628 25.91 5.21 43.00
CA ARG D 628 26.51 5.45 44.31
C ARG D 628 25.67 6.60 44.87
N PRO D 629 25.65 6.74 46.19
CA PRO D 629 24.88 7.81 46.85
C PRO D 629 25.48 9.15 46.48
N SER D 630 24.63 10.16 46.27
CA SER D 630 25.11 11.49 45.92
C SER D 630 26.12 12.01 46.92
N ARG D 631 27.13 12.71 46.42
CA ARG D 631 28.15 13.26 47.30
C ARG D 631 27.51 14.34 48.16
N PHE D 632 26.40 14.89 47.69
CA PHE D 632 25.73 15.94 48.44
C PHE D 632 25.23 15.44 49.79
N ILE D 633 24.81 14.19 49.88
CA ILE D 633 24.31 13.72 51.15
C ILE D 633 25.41 13.74 52.20
N GLY D 634 26.61 13.29 51.81
CA GLY D 634 27.73 13.27 52.73
C GLY D 634 28.22 14.65 53.11
N GLU D 635 28.13 15.60 52.19
CA GLU D 635 28.58 16.94 52.47
C GLU D 635 27.79 17.66 53.56
N LEU D 636 26.68 17.03 53.99
CA LEU D 636 25.82 17.62 55.03
C LEU D 636 26.38 17.31 56.41
N PRO D 637 26.18 18.22 57.37
CA PRO D 637 26.68 18.00 58.74
C PRO D 637 25.94 16.83 59.40
N GLU D 638 26.71 15.84 59.85
CA GLU D 638 26.14 14.66 60.47
C GLU D 638 25.10 14.93 61.56
N GLU D 639 25.28 16.01 62.30
CA GLU D 639 24.33 16.31 63.36
C GLU D 639 22.98 16.87 62.88
N CYS D 640 22.82 17.04 61.56
CA CYS D 640 21.56 17.56 61.04
C CYS D 640 20.82 16.45 60.30
N VAL D 641 21.54 15.37 60.08
CA VAL D 641 21.03 14.22 59.36
C VAL D 641 20.71 13.02 60.24
N GLU D 642 19.55 12.42 60.05
CA GLU D 642 19.17 11.25 60.82
C GLU D 642 18.69 10.17 59.87
N GLU D 643 19.42 9.08 59.76
CA GLU D 643 19.02 8.01 58.85
C GLU D 643 17.70 7.37 59.25
N VAL D 644 16.87 7.09 58.26
CA VAL D 644 15.57 6.48 58.47
C VAL D 644 15.64 4.96 58.59
N ARG D 645 15.52 4.47 59.82
CA ARG D 645 15.56 3.04 60.10
C ARG D 645 14.12 2.51 60.26
N LEU D 646 13.75 1.49 59.51
CA LEU D 646 12.41 0.97 59.62
C LEU D 646 12.31 -0.14 60.69
N ARG D 647 11.18 -0.16 61.40
CA ARG D 647 10.93 -1.16 62.44
C ARG D 647 10.40 -2.47 61.81
N VAL D 650 6.67 -8.11 63.99
CA VAL D 650 6.87 -9.46 63.47
C VAL D 650 5.57 -10.00 62.86
N SER D 651 5.72 -10.92 61.89
CA SER D 651 4.57 -11.53 61.22
C SER D 651 4.40 -12.97 61.69
N ARG D 652 3.15 -13.40 61.82
CA ARG D 652 2.81 -14.76 62.27
C ARG D 652 3.88 -15.80 61.97
N PRO D 653 4.20 -16.61 62.98
CA PRO D 653 5.22 -17.65 62.86
C PRO D 653 5.02 -18.55 61.65
N VAL D 654 6.12 -19.04 61.09
CA VAL D 654 6.07 -19.91 59.92
C VAL D 654 6.70 -21.27 60.25
N GLN D 657 0.65 -25.82 55.53
CA GLN D 657 -0.07 -26.96 54.97
C GLN D 657 -0.02 -26.95 53.44
N ARG D 658 -0.37 -28.07 52.83
CA ARG D 658 -0.36 -28.21 51.37
C ARG D 658 -1.73 -28.61 50.82
#